data_8EXW
#
_entry.id   8EXW
#
_cell.length_a   42.394
_cell.length_b   126.806
_cell.length_c   92.581
_cell.angle_alpha   90.000
_cell.angle_beta   90.130
_cell.angle_gamma   90.000
#
_symmetry.space_group_name_H-M   'P 1 21 1'
#
loop_
_entity.id
_entity.type
_entity.pdbx_description
1 polymer 'Isoform K of Myosin heavy chain, muscle'
2 polymer 'Myosin light chain alkali'
3 non-polymer 'MAGNESIUM ION'
4 non-polymer "ADENOSINE-5'-DIPHOSPHATE"
5 water water
#
loop_
_entity_poly.entity_id
_entity_poly.type
_entity_poly.pdbx_seq_one_letter_code
_entity_poly.pdbx_strand_id
1 'polypeptide(L)'
;PKPVANQEDEDPTPYLFVSLEQRRIDQSKPYDSKKSCWIPDEKEGYLLGEIKATKGDIVSVGLQGGETRDLKKDLLQQVN
PPKYEKAEDMSNLTYLNDASVLHNLRQRYYNKLIYTYSGLFCVAINPYKRYPVYTNRCAKMYRGKRRNEVPPHIFAISDG
AYVDMLTNHVNQSMLITGESGAGKTENTKKVIAYFATVGASKKTDEAAKSKGSLEDQVVQTNPVLEAFGNAKTVRNDNSS
RFGKFIRIHFGPTGKLAGADIETYLLEKARVISQQSLERSYHIFYQIMSGSVPGVKEMCFLSDNIYDYYNVSQGKVTVPN
MDDGEEFQLADQAFDILGFTKQEKEDVYRITAAVMHMGGMKFKQRGREEQAEQDGEEEGGRVSKLFGCDTAELYKNLLKP
RIKVGNEFVTQGRNVQQVTNSIGALCKGVFDRLFKWLVKKCNETLDTQQKRQHFIGVLDIAGFEIFEYNGFEQLCINFTN
EKLQQFFNHIMFVMEQEEYKKEGINWDFIDFGMDLLACIDLIEKPMGILSILEEESMFPKATDQTFSEKLTNTHLGKSAP
FQKPKPPKPGQQAAHFAIAHYAGCVSYNITGWLEKNKDPLNDTVVDQFKKSQNKLLIEIFADHAGQSGGGEQAKGGRGKK
GGGFATVSSAYKEQLNSLMTTLRSTQPHFVRCIIPNEMKQPGVVDAHLVMHQLTCNGVLEGIRICRKGFPNRMMYPDFKM
RYMILAPAIMAAEKVAKNAAGKCLEAVGLDPDMYRIGHTKVFFRAGVLGQMEEFRDERLGKIMSWMQAWARGYLSRKGFK
KLQEQRVA
;
A
2 'polypeptide(L)'
;MADVPKREVENVEFVFEVMGSPGEGIDAVDLGDALRALNLNPTLALIEKLGGTKKRNEKKIKLDEFLPIYSQVKKEKEQG
CYEDFIECLKLYDKEENGTMLLAELQHALLALGESLDDEQVETLFADCMDPEDDEGFIPYSPFLARMCDRPDQLK
;
B
#
loop_
_chem_comp.id
_chem_comp.type
_chem_comp.name
_chem_comp.formula
ADP non-polymer ADENOSINE-5'-DIPHOSPHATE 'C10 H15 N5 O10 P2'
MG non-polymer 'MAGNESIUM ION' 'Mg 2'
#
# COMPACT_ATOMS: atom_id res chain seq x y z
N GLU A 8 -13.90 -18.86 -17.58
CA GLU A 8 -12.57 -19.06 -17.00
C GLU A 8 -12.67 -19.85 -15.70
N ASP A 9 -13.47 -20.92 -15.73
CA ASP A 9 -13.65 -21.77 -14.55
C ASP A 9 -12.37 -22.55 -14.27
N GLU A 10 -11.64 -22.15 -13.24
CA GLU A 10 -10.41 -22.82 -12.83
C GLU A 10 -10.43 -22.91 -11.31
N ASP A 11 -9.28 -23.19 -10.71
CA ASP A 11 -9.13 -23.21 -9.27
C ASP A 11 -8.36 -21.97 -8.83
N PRO A 12 -8.94 -21.08 -8.02
CA PRO A 12 -8.22 -19.85 -7.66
C PRO A 12 -7.23 -20.01 -6.53
N THR A 13 -7.23 -21.14 -5.84
CA THR A 13 -6.36 -21.33 -4.68
C THR A 13 -4.90 -20.94 -4.94
N PRO A 14 -4.23 -21.46 -5.97
CA PRO A 14 -2.81 -21.11 -6.17
C PRO A 14 -2.58 -19.64 -6.50
N TYR A 15 -3.63 -18.85 -6.71
CA TYR A 15 -3.50 -17.42 -6.96
C TYR A 15 -3.98 -16.58 -5.78
N LEU A 16 -4.25 -17.21 -4.63
CA LEU A 16 -4.72 -16.49 -3.46
C LEU A 16 -3.90 -16.82 -2.23
N PHE A 17 -3.44 -18.07 -2.13
CA PHE A 17 -2.72 -18.55 -0.96
C PHE A 17 -1.23 -18.72 -1.27
N VAL A 18 -0.43 -18.72 -0.21
CA VAL A 18 0.95 -19.18 -0.28
C VAL A 18 0.96 -20.68 0.01
N SER A 19 1.49 -21.46 -0.93
CA SER A 19 1.46 -22.91 -0.77
C SER A 19 2.21 -23.33 0.49
N LEU A 20 1.78 -24.46 1.07
CA LEU A 20 2.50 -25.04 2.19
C LEU A 20 3.95 -25.33 1.81
N GLU A 21 4.17 -25.83 0.59
CA GLU A 21 5.53 -26.08 0.12
C GLU A 21 6.35 -24.80 0.12
N GLN A 22 5.77 -23.71 -0.40
CA GLN A 22 6.49 -22.44 -0.46
C GLN A 22 6.77 -21.90 0.94
N ARG A 23 5.83 -22.10 1.88
CA ARG A 23 6.03 -21.61 3.23
C ARG A 23 7.25 -22.26 3.88
N ARG A 24 7.37 -23.58 3.75
CA ARG A 24 8.50 -24.28 4.36
C ARG A 24 9.82 -23.81 3.76
N ILE A 25 9.83 -23.49 2.46
CA ILE A 25 11.02 -22.93 1.85
C ILE A 25 11.32 -21.55 2.45
N ASP A 26 10.29 -20.73 2.60
CA ASP A 26 10.50 -19.37 3.10
C ASP A 26 11.04 -19.39 4.53
N GLN A 27 10.58 -20.34 5.34
CA GLN A 27 11.01 -20.40 6.74
C GLN A 27 12.45 -20.84 6.90
N SER A 28 13.18 -21.08 5.80
CA SER A 28 14.58 -21.47 5.86
C SER A 28 15.50 -20.46 5.16
N LYS A 29 15.01 -19.24 4.90
CA LYS A 29 15.86 -18.20 4.34
C LYS A 29 16.85 -17.74 5.42
N PRO A 30 17.95 -17.09 5.02
CA PRO A 30 19.11 -17.00 5.93
C PRO A 30 18.96 -15.81 6.87
N TYR A 31 18.56 -16.03 8.12
CA TYR A 31 18.22 -14.93 9.00
C TYR A 31 19.04 -14.99 10.28
N ASP A 32 19.76 -13.91 10.55
CA ASP A 32 20.40 -13.68 11.84
C ASP A 32 19.89 -12.35 12.37
N SER A 33 19.21 -12.39 13.52
CA SER A 33 18.68 -11.17 14.10
C SER A 33 19.76 -10.11 14.37
N LYS A 34 21.04 -10.49 14.32
CA LYS A 34 22.13 -9.55 14.56
C LYS A 34 22.76 -9.02 13.27
N LYS A 35 22.83 -9.84 12.22
CA LYS A 35 23.51 -9.48 10.98
C LYS A 35 22.55 -9.00 9.89
N SER A 36 21.39 -9.63 9.74
CA SER A 36 20.51 -9.35 8.62
C SER A 36 20.08 -7.88 8.63
N CYS A 37 20.23 -7.23 7.48
CA CYS A 37 19.91 -5.82 7.36
C CYS A 37 19.51 -5.50 5.93
N TRP A 38 18.72 -4.44 5.77
CA TRP A 38 18.43 -3.85 4.48
C TRP A 38 19.31 -2.62 4.26
N ILE A 39 19.87 -2.50 3.07
CA ILE A 39 20.66 -1.32 2.71
C ILE A 39 20.06 -0.71 1.46
N PRO A 40 20.17 0.60 1.25
CA PRO A 40 19.61 1.20 0.03
C PRO A 40 20.38 0.79 -1.21
N ASP A 41 19.70 0.88 -2.35
CA ASP A 41 20.32 0.56 -3.63
C ASP A 41 19.53 1.25 -4.73
N GLU A 42 20.25 1.75 -5.74
CA GLU A 42 19.63 2.49 -6.82
C GLU A 42 18.58 1.64 -7.54
N LYS A 43 19.02 0.56 -8.18
CA LYS A 43 18.15 -0.19 -9.08
C LYS A 43 17.18 -1.08 -8.30
N GLU A 44 17.63 -1.68 -7.20
CA GLU A 44 16.79 -2.59 -6.44
C GLU A 44 16.06 -1.91 -5.30
N GLY A 45 16.33 -0.63 -5.04
CA GLY A 45 15.71 0.05 -3.92
C GLY A 45 16.35 -0.34 -2.60
N TYR A 46 16.32 -1.64 -2.29
CA TYR A 46 16.94 -2.14 -1.07
C TYR A 46 17.49 -3.53 -1.34
N LEU A 47 18.61 -3.84 -0.69
CA LEU A 47 19.28 -5.12 -0.82
C LEU A 47 19.43 -5.76 0.56
N LEU A 48 19.22 -7.06 0.63
CA LEU A 48 19.46 -7.80 1.87
C LEU A 48 20.94 -8.02 2.04
N GLY A 49 21.45 -7.78 3.25
CA GLY A 49 22.86 -7.85 3.52
C GLY A 49 23.15 -8.54 4.83
N GLU A 50 24.45 -8.66 5.12
CA GLU A 50 24.96 -9.37 6.27
C GLU A 50 26.04 -8.51 6.92
N ILE A 51 25.74 -7.95 8.09
CA ILE A 51 26.71 -7.09 8.78
C ILE A 51 27.95 -7.92 9.08
N LYS A 52 29.06 -7.59 8.43
CA LYS A 52 30.31 -8.32 8.62
C LYS A 52 31.14 -7.75 9.77
N ALA A 53 31.12 -6.44 9.96
CA ALA A 53 31.88 -5.83 11.04
C ALA A 53 31.38 -4.40 11.26
N THR A 54 31.68 -3.88 12.44
CA THR A 54 31.23 -2.56 12.85
C THR A 54 32.39 -1.81 13.51
N LYS A 55 32.60 -0.56 13.08
CA LYS A 55 33.64 0.29 13.65
C LYS A 55 33.06 1.70 13.77
N GLY A 56 32.64 2.06 14.97
CA GLY A 56 32.00 3.36 15.17
C GLY A 56 30.56 3.31 14.71
N ASP A 57 30.19 4.26 13.86
CA ASP A 57 28.88 4.27 13.21
C ASP A 57 28.96 3.79 11.77
N ILE A 58 30.03 3.08 11.41
CA ILE A 58 30.21 2.50 10.09
C ILE A 58 30.14 0.98 10.23
N VAL A 59 29.45 0.34 9.29
CA VAL A 59 29.32 -1.12 9.27
C VAL A 59 29.73 -1.62 7.89
N SER A 60 30.34 -2.80 7.88
CA SER A 60 30.66 -3.50 6.65
C SER A 60 29.57 -4.54 6.40
N VAL A 61 28.87 -4.42 5.28
CA VAL A 61 27.73 -5.28 4.97
C VAL A 61 28.15 -6.20 3.83
N GLY A 62 27.99 -7.51 4.05
CA GLY A 62 28.26 -8.48 3.02
C GLY A 62 27.02 -8.81 2.22
N LEU A 63 27.08 -8.63 0.91
CA LEU A 63 25.96 -8.86 0.02
C LEU A 63 26.13 -10.18 -0.73
N GLN A 64 25.00 -10.76 -1.13
CA GLN A 64 25.04 -11.96 -1.95
C GLN A 64 25.75 -11.65 -3.27
N GLY A 65 26.78 -12.43 -3.56
CA GLY A 65 27.65 -12.16 -4.69
C GLY A 65 29.04 -11.67 -4.33
N GLY A 66 29.38 -11.68 -3.04
CA GLY A 66 30.71 -11.32 -2.59
C GLY A 66 30.91 -9.84 -2.32
N GLU A 67 30.14 -8.97 -2.98
CA GLU A 67 30.33 -7.54 -2.80
C GLU A 67 30.18 -7.15 -1.33
N THR A 68 30.94 -6.14 -0.93
CA THR A 68 30.87 -5.59 0.42
C THR A 68 30.84 -4.07 0.32
N ARG A 69 30.07 -3.45 1.20
CA ARG A 69 29.93 -2.01 1.23
C ARG A 69 30.08 -1.51 2.66
N ASP A 70 30.67 -0.32 2.78
CA ASP A 70 30.82 0.36 4.07
C ASP A 70 29.87 1.55 4.07
N LEU A 71 28.87 1.51 4.95
CA LEU A 71 27.90 2.58 5.06
C LEU A 71 27.50 2.76 6.51
N LYS A 72 26.84 3.88 6.79
CA LYS A 72 26.50 4.24 8.17
C LYS A 72 25.34 3.40 8.68
N LYS A 73 25.41 3.03 9.96
CA LYS A 73 24.30 2.34 10.61
C LYS A 73 22.99 3.08 10.37
N ASP A 74 23.04 4.40 10.25
CA ASP A 74 21.83 5.20 10.04
C ASP A 74 21.02 4.68 8.85
N LEU A 75 21.71 4.21 7.81
CA LEU A 75 21.05 3.82 6.58
C LEU A 75 20.54 2.38 6.60
N LEU A 76 20.88 1.60 7.62
CA LEU A 76 20.42 0.22 7.70
C LEU A 76 19.00 0.18 8.26
N GLN A 77 18.21 -0.77 7.76
CA GLN A 77 16.84 -0.98 8.21
C GLN A 77 16.68 -2.43 8.64
N GLN A 78 15.85 -2.64 9.66
CA GLN A 78 15.71 -3.97 10.24
C GLN A 78 15.00 -4.91 9.28
N VAL A 79 15.23 -6.20 9.48
CA VAL A 79 14.66 -7.27 8.65
C VAL A 79 13.70 -8.09 9.49
N ASN A 80 12.53 -8.39 8.92
CA ASN A 80 11.59 -9.28 9.60
C ASN A 80 12.01 -10.73 9.40
N PRO A 81 11.82 -11.59 10.40
CA PRO A 81 12.28 -12.98 10.29
C PRO A 81 11.52 -13.73 9.21
N PRO A 82 12.05 -14.86 8.74
CA PRO A 82 11.44 -15.52 7.58
C PRO A 82 10.02 -16.01 7.80
N LYS A 83 9.56 -16.13 9.05
CA LYS A 83 8.20 -16.59 9.28
C LYS A 83 7.17 -15.56 8.81
N TYR A 84 7.56 -14.30 8.67
CA TYR A 84 6.67 -13.25 8.18
C TYR A 84 6.74 -13.07 6.67
N GLU A 85 7.34 -14.02 5.96
CA GLU A 85 7.46 -13.89 4.52
C GLU A 85 6.10 -13.93 3.86
N LYS A 86 5.90 -13.04 2.89
CA LYS A 86 4.65 -12.97 2.12
C LYS A 86 3.45 -12.82 3.05
N ALA A 87 3.62 -12.07 4.13
CA ALA A 87 2.54 -11.87 5.08
C ALA A 87 1.33 -11.25 4.41
N GLU A 88 0.14 -11.77 4.73
CA GLU A 88 -1.08 -11.29 4.11
C GLU A 88 -1.48 -9.92 4.63
N ASP A 89 -1.09 -9.59 5.86
CA ASP A 89 -1.45 -8.32 6.50
C ASP A 89 -0.18 -7.75 7.11
N MET A 90 0.39 -6.73 6.46
CA MET A 90 1.69 -6.22 6.87
C MET A 90 1.68 -5.52 8.22
N SER A 91 0.51 -5.19 8.76
CA SER A 91 0.46 -4.66 10.11
C SER A 91 0.99 -5.65 11.13
N ASN A 92 1.03 -6.94 10.79
CA ASN A 92 1.57 -7.96 11.68
C ASN A 92 3.09 -8.01 11.67
N LEU A 93 3.76 -7.30 10.77
CA LEU A 93 5.22 -7.32 10.74
C LEU A 93 5.78 -6.59 11.94
N THR A 94 6.88 -7.12 12.50
CA THR A 94 7.54 -6.47 13.62
C THR A 94 8.14 -5.13 13.22
N TYR A 95 8.84 -5.11 12.09
CA TYR A 95 9.38 -3.89 11.51
C TYR A 95 8.61 -3.58 10.22
N LEU A 96 8.11 -2.37 10.10
CA LEU A 96 7.39 -1.93 8.92
C LEU A 96 8.08 -0.72 8.30
N ASN A 97 9.41 -0.77 8.26
CA ASN A 97 10.21 0.23 7.56
C ASN A 97 9.97 0.12 6.05
N ASP A 98 10.53 1.08 5.31
CA ASP A 98 10.30 1.13 3.87
C ASP A 98 10.79 -0.15 3.19
N ALA A 99 11.90 -0.70 3.65
CA ALA A 99 12.45 -1.89 2.99
C ALA A 99 11.59 -3.12 3.24
N SER A 100 11.05 -3.26 4.45
CA SER A 100 10.20 -4.40 4.75
C SER A 100 8.89 -4.35 3.99
N VAL A 101 8.38 -3.14 3.71
CA VAL A 101 7.15 -3.00 2.95
C VAL A 101 7.37 -3.44 1.51
N LEU A 102 8.38 -2.86 0.85
CA LEU A 102 8.73 -3.26 -0.51
C LEU A 102 8.95 -4.77 -0.59
N HIS A 103 9.71 -5.31 0.37
CA HIS A 103 10.04 -6.73 0.33
C HIS A 103 8.79 -7.60 0.39
N ASN A 104 7.92 -7.36 1.37
CA ASN A 104 6.73 -8.18 1.50
C ASN A 104 5.85 -8.10 0.25
N LEU A 105 5.74 -6.91 -0.33
CA LEU A 105 4.87 -6.74 -1.48
C LEU A 105 5.44 -7.40 -2.72
N ARG A 106 6.74 -7.21 -2.98
CA ARG A 106 7.34 -7.78 -4.18
C ARG A 106 7.39 -9.30 -4.10
N GLN A 107 7.70 -9.85 -2.92
CA GLN A 107 7.69 -11.30 -2.77
C GLN A 107 6.31 -11.86 -3.07
N ARG A 108 5.27 -11.26 -2.50
CA ARG A 108 3.91 -11.71 -2.80
C ARG A 108 3.61 -11.58 -4.28
N TYR A 109 3.98 -10.45 -4.89
CA TYR A 109 3.77 -10.27 -6.32
C TYR A 109 4.46 -11.37 -7.12
N TYR A 110 5.74 -11.62 -6.81
CA TYR A 110 6.46 -12.71 -7.48
C TYR A 110 5.75 -14.04 -7.29
N ASN A 111 4.98 -14.18 -6.23
CA ASN A 111 4.19 -15.39 -5.98
C ASN A 111 2.82 -15.34 -6.62
N LYS A 112 2.58 -14.37 -7.51
CA LYS A 112 1.32 -14.19 -8.22
C LYS A 112 0.20 -13.66 -7.34
N LEU A 113 0.54 -13.07 -6.19
CA LEU A 113 -0.44 -12.56 -5.25
C LEU A 113 -0.59 -11.06 -5.46
N ILE A 114 -1.75 -10.65 -6.01
CA ILE A 114 -1.98 -9.26 -6.36
C ILE A 114 -2.20 -8.41 -5.12
N TYR A 115 -2.94 -8.92 -4.15
CA TYR A 115 -3.49 -8.12 -3.07
C TYR A 115 -2.74 -8.37 -1.77
N THR A 116 -2.54 -7.29 -1.01
CA THR A 116 -1.89 -7.35 0.29
C THR A 116 -2.54 -6.31 1.19
N TYR A 117 -2.84 -6.70 2.43
CA TYR A 117 -3.39 -5.78 3.41
C TYR A 117 -2.26 -5.09 4.16
N SER A 118 -2.46 -3.80 4.47
CA SER A 118 -1.53 -3.03 5.30
C SER A 118 -2.38 -2.37 6.39
N GLY A 119 -2.82 -3.19 7.35
CA GLY A 119 -3.68 -2.71 8.41
C GLY A 119 -5.07 -2.37 7.91
N LEU A 120 -5.38 -1.08 7.82
CA LEU A 120 -6.71 -0.62 7.49
C LEU A 120 -6.97 -0.52 6.00
N PHE A 121 -5.93 -0.43 5.17
CA PHE A 121 -6.10 -0.31 3.73
C PHE A 121 -5.45 -1.51 3.03
N CYS A 122 -5.63 -1.55 1.71
CA CYS A 122 -5.24 -2.69 0.89
C CYS A 122 -4.44 -2.22 -0.32
N VAL A 123 -3.43 -2.99 -0.67
CA VAL A 123 -2.54 -2.69 -1.79
C VAL A 123 -2.79 -3.68 -2.90
N ALA A 124 -2.83 -3.19 -4.14
CA ALA A 124 -3.10 -4.01 -5.31
C ALA A 124 -2.09 -3.68 -6.39
N ILE A 125 -1.25 -4.66 -6.75
CA ILE A 125 -0.21 -4.49 -7.75
C ILE A 125 -0.70 -5.09 -9.06
N ASN A 126 -0.63 -4.31 -10.13
CA ASN A 126 -1.12 -4.75 -11.43
C ASN A 126 -0.45 -6.05 -11.83
N PRO A 127 -1.21 -7.12 -12.13
CA PRO A 127 -0.57 -8.37 -12.56
C PRO A 127 -0.16 -8.37 -14.03
N TYR A 128 -0.83 -7.58 -14.86
CA TYR A 128 -0.62 -7.61 -16.32
C TYR A 128 -0.76 -9.04 -16.86
N LYS A 129 -1.58 -9.85 -16.17
CA LYS A 129 -1.88 -11.21 -16.57
C LYS A 129 -3.24 -11.55 -15.97
N ARG A 130 -4.00 -12.38 -16.68
CA ARG A 130 -5.37 -12.69 -16.28
C ARG A 130 -5.38 -13.94 -15.42
N TYR A 131 -5.59 -13.77 -14.12
CA TYR A 131 -5.68 -14.87 -13.17
C TYR A 131 -7.14 -15.15 -12.83
N PRO A 132 -7.48 -16.42 -12.53
CA PRO A 132 -8.89 -16.79 -12.27
C PRO A 132 -9.37 -16.46 -10.87
N VAL A 133 -9.20 -15.21 -10.47
CA VAL A 133 -9.53 -14.75 -9.12
C VAL A 133 -10.76 -13.85 -9.13
N TYR A 134 -11.43 -13.69 -10.27
CA TYR A 134 -12.64 -12.89 -10.36
C TYR A 134 -13.82 -13.72 -10.88
N THR A 135 -13.75 -15.04 -10.72
CA THR A 135 -14.82 -15.93 -11.12
C THR A 135 -15.91 -15.98 -10.06
N ASN A 136 -17.03 -16.62 -10.41
CA ASN A 136 -18.05 -16.90 -9.41
C ASN A 136 -17.52 -17.85 -8.35
N ARG A 137 -16.67 -18.80 -8.75
CA ARG A 137 -16.09 -19.73 -7.79
C ARG A 137 -15.26 -18.99 -6.75
N CYS A 138 -14.51 -17.98 -7.18
CA CYS A 138 -13.73 -17.20 -6.23
C CYS A 138 -14.61 -16.26 -5.42
N ALA A 139 -15.61 -15.65 -6.07
CA ALA A 139 -16.50 -14.75 -5.35
C ALA A 139 -17.24 -15.47 -4.22
N LYS A 140 -17.66 -16.71 -4.47
CA LYS A 140 -18.36 -17.46 -3.43
C LYS A 140 -17.47 -17.65 -2.21
N MET A 141 -16.15 -17.64 -2.39
CA MET A 141 -15.24 -17.86 -1.27
C MET A 141 -15.22 -16.68 -0.30
N TYR A 142 -15.64 -15.49 -0.73
CA TYR A 142 -15.56 -14.31 0.09
C TYR A 142 -16.90 -13.83 0.63
N ARG A 143 -18.01 -14.39 0.16
CA ARG A 143 -19.32 -13.94 0.61
C ARG A 143 -19.55 -14.37 2.06
N GLY A 144 -19.72 -13.39 2.94
CA GLY A 144 -20.00 -13.64 4.33
C GLY A 144 -18.78 -13.81 5.22
N LYS A 145 -17.62 -14.07 4.65
CA LYS A 145 -16.43 -14.32 5.45
C LYS A 145 -15.77 -13.02 5.87
N ARG A 146 -15.13 -13.05 7.03
CA ARG A 146 -14.45 -11.86 7.53
C ARG A 146 -13.08 -11.74 6.87
N ARG A 147 -12.57 -10.50 6.85
CA ARG A 147 -11.36 -10.20 6.09
C ARG A 147 -10.21 -11.12 6.47
N ASN A 148 -10.11 -11.47 7.75
CA ASN A 148 -8.99 -12.27 8.23
C ASN A 148 -9.20 -13.77 8.06
N GLU A 149 -10.38 -14.18 7.62
CA GLU A 149 -10.67 -15.60 7.42
C GLU A 149 -10.30 -16.08 6.01
N VAL A 150 -9.82 -15.19 5.14
CA VAL A 150 -9.57 -15.55 3.74
C VAL A 150 -8.42 -14.70 3.22
N PRO A 151 -7.71 -15.14 2.18
CA PRO A 151 -6.55 -14.38 1.70
C PRO A 151 -6.97 -13.00 1.22
N PRO A 152 -6.03 -12.06 1.15
CA PRO A 152 -6.36 -10.71 0.69
C PRO A 152 -6.99 -10.73 -0.70
N HIS A 153 -7.95 -9.84 -0.92
CA HIS A 153 -8.70 -9.76 -2.17
C HIS A 153 -9.58 -8.53 -2.11
N ILE A 154 -9.79 -7.92 -3.29
CA ILE A 154 -10.71 -6.79 -3.36
C ILE A 154 -12.12 -7.22 -2.94
N PHE A 155 -12.49 -8.46 -3.24
CA PHE A 155 -13.81 -8.94 -2.84
C PHE A 155 -13.98 -8.94 -1.33
N ALA A 156 -12.90 -9.19 -0.58
CA ALA A 156 -12.98 -9.21 0.87
C ALA A 156 -13.36 -7.84 1.41
N ILE A 157 -12.78 -6.79 0.84
CA ILE A 157 -13.12 -5.43 1.25
C ILE A 157 -14.55 -5.11 0.86
N SER A 158 -14.91 -5.42 -0.39
CA SER A 158 -16.27 -5.15 -0.86
C SER A 158 -17.30 -5.83 0.04
N ASP A 159 -17.10 -7.11 0.33
CA ASP A 159 -18.04 -7.82 1.19
C ASP A 159 -18.11 -7.17 2.57
N GLY A 160 -16.94 -6.85 3.14
CA GLY A 160 -16.93 -6.21 4.45
C GLY A 160 -17.72 -4.91 4.47
N ALA A 161 -17.61 -4.12 3.40
CA ALA A 161 -18.37 -2.87 3.33
C ALA A 161 -19.86 -3.14 3.16
N TYR A 162 -20.20 -4.16 2.37
CA TYR A 162 -21.60 -4.55 2.24
C TYR A 162 -22.15 -5.05 3.57
N VAL A 163 -21.31 -5.73 4.35
CA VAL A 163 -21.75 -6.24 5.65
C VAL A 163 -21.90 -5.10 6.64
N ASP A 164 -20.91 -4.19 6.69
CA ASP A 164 -21.00 -3.06 7.61
C ASP A 164 -22.20 -2.18 7.28
N MET A 165 -22.47 -1.98 5.98
CA MET A 165 -23.64 -1.21 5.56
C MET A 165 -24.92 -1.78 6.16
N LEU A 166 -25.13 -3.10 6.01
CA LEU A 166 -26.36 -3.70 6.46
C LEU A 166 -26.43 -3.78 7.99
N THR A 167 -25.28 -3.93 8.65
CA THR A 167 -25.27 -4.08 10.10
C THR A 167 -25.30 -2.73 10.79
N ASN A 168 -24.50 -1.77 10.34
CA ASN A 168 -24.37 -0.48 10.99
C ASN A 168 -25.27 0.60 10.40
N HIS A 169 -25.93 0.32 9.28
CA HIS A 169 -26.80 1.30 8.63
C HIS A 169 -26.05 2.60 8.33
N VAL A 170 -24.89 2.44 7.69
CA VAL A 170 -24.04 3.56 7.30
C VAL A 170 -23.60 3.35 5.87
N ASN A 171 -23.64 4.43 5.09
CA ASN A 171 -23.17 4.36 3.71
C ASN A 171 -21.67 4.14 3.67
N GLN A 172 -21.22 3.41 2.65
CA GLN A 172 -19.83 3.01 2.53
C GLN A 172 -19.19 3.64 1.31
N SER A 173 -17.87 3.65 1.30
CA SER A 173 -17.09 4.18 0.20
C SER A 173 -15.88 3.30 -0.07
N MET A 174 -15.53 3.16 -1.34
CA MET A 174 -14.34 2.43 -1.76
C MET A 174 -13.57 3.35 -2.71
N LEU A 175 -12.43 3.84 -2.25
CA LEU A 175 -11.58 4.73 -3.03
C LEU A 175 -10.45 3.92 -3.62
N ILE A 176 -10.41 3.84 -4.95
CA ILE A 176 -9.45 3.03 -5.68
C ILE A 176 -8.56 3.99 -6.45
N THR A 177 -7.36 4.23 -5.94
CA THR A 177 -6.48 5.28 -6.42
C THR A 177 -5.16 4.68 -6.89
N GLY A 178 -4.37 5.54 -7.54
CA GLY A 178 -3.12 5.12 -8.13
C GLY A 178 -2.85 5.86 -9.41
N GLU A 179 -1.64 5.75 -9.92
CA GLU A 179 -1.26 6.47 -11.12
C GLU A 179 -1.70 5.70 -12.36
N SER A 180 -1.45 6.28 -13.52
CA SER A 180 -1.99 5.74 -14.77
C SER A 180 -1.51 4.31 -15.00
N GLY A 181 -2.46 3.44 -15.33
CA GLY A 181 -2.15 2.05 -15.61
C GLY A 181 -1.93 1.19 -14.39
N ALA A 182 -2.23 1.69 -13.20
CA ALA A 182 -2.02 0.91 -11.99
C ALA A 182 -3.06 -0.18 -11.79
N GLY A 183 -4.25 -0.03 -12.39
CA GLY A 183 -5.28 -1.04 -12.28
C GLY A 183 -6.55 -0.57 -11.60
N LYS A 184 -6.77 0.75 -11.55
CA LYS A 184 -7.95 1.28 -10.87
C LYS A 184 -9.23 0.83 -11.57
N THR A 185 -9.29 0.96 -12.89
CA THR A 185 -10.53 0.68 -13.59
C THR A 185 -10.86 -0.80 -13.57
N GLU A 186 -9.85 -1.66 -13.71
CA GLU A 186 -10.09 -3.09 -13.63
C GLU A 186 -10.68 -3.46 -12.27
N ASN A 187 -10.01 -3.05 -11.18
CA ASN A 187 -10.53 -3.36 -9.86
C ASN A 187 -11.90 -2.71 -9.63
N THR A 188 -12.10 -1.51 -10.17
CA THR A 188 -13.40 -0.86 -10.04
C THR A 188 -14.49 -1.69 -10.68
N LYS A 189 -14.25 -2.18 -11.90
CA LYS A 189 -15.27 -2.97 -12.59
C LYS A 189 -15.53 -4.29 -11.87
N LYS A 190 -14.54 -4.84 -11.17
CA LYS A 190 -14.75 -6.07 -10.42
C LYS A 190 -15.54 -5.84 -9.14
N VAL A 191 -15.29 -4.72 -8.47
CA VAL A 191 -16.07 -4.39 -7.28
C VAL A 191 -17.54 -4.22 -7.64
N ILE A 192 -17.81 -3.45 -8.70
CA ILE A 192 -19.20 -3.20 -9.11
C ILE A 192 -19.88 -4.52 -9.47
N ALA A 193 -19.19 -5.38 -10.21
CA ALA A 193 -19.78 -6.66 -10.58
C ALA A 193 -20.02 -7.54 -9.36
N TYR A 194 -19.21 -7.38 -8.31
CA TYR A 194 -19.43 -8.12 -7.08
C TYR A 194 -20.71 -7.65 -6.39
N PHE A 195 -20.86 -6.33 -6.23
CA PHE A 195 -22.07 -5.80 -5.60
C PHE A 195 -23.31 -6.11 -6.42
N ALA A 196 -23.20 -6.11 -7.74
CA ALA A 196 -24.34 -6.46 -8.58
C ALA A 196 -24.73 -7.92 -8.39
N THR A 197 -23.77 -8.77 -8.05
CA THR A 197 -24.05 -10.18 -7.84
C THR A 197 -24.70 -10.41 -6.47
N VAL A 198 -24.02 -9.99 -5.39
CA VAL A 198 -24.53 -10.26 -4.06
C VAL A 198 -25.88 -9.58 -3.86
N GLY A 199 -26.04 -8.39 -4.42
CA GLY A 199 -27.28 -7.64 -4.28
C GLY A 199 -28.41 -8.09 -5.18
N ALA A 200 -28.13 -9.00 -6.11
CA ALA A 200 -29.16 -9.46 -7.04
C ALA A 200 -30.35 -10.03 -6.27
N SER A 201 -31.54 -9.51 -6.57
CA SER A 201 -32.75 -10.01 -5.93
C SER A 201 -33.01 -11.46 -6.31
N LYS A 202 -33.02 -11.76 -7.61
CA LYS A 202 -33.20 -13.12 -8.10
C LYS A 202 -31.85 -13.70 -8.56
N GLY A 212 -32.82 -7.24 -19.64
CA GLY A 212 -32.64 -5.89 -19.13
C GLY A 212 -32.66 -5.83 -17.62
N SER A 213 -31.94 -6.75 -16.98
CA SER A 213 -31.89 -6.78 -15.52
C SER A 213 -31.02 -5.63 -15.00
N LEU A 214 -31.46 -5.03 -13.89
CA LEU A 214 -30.67 -3.97 -13.28
C LEU A 214 -29.25 -4.44 -13.00
N GLU A 215 -29.10 -5.71 -12.61
CA GLU A 215 -27.77 -6.23 -12.28
C GLU A 215 -26.85 -6.19 -13.48
N ASP A 216 -27.40 -6.48 -14.68
CA ASP A 216 -26.59 -6.45 -15.88
C ASP A 216 -26.48 -5.05 -16.47
N GLN A 217 -27.45 -4.19 -16.19
CA GLN A 217 -27.41 -2.83 -16.75
C GLN A 217 -26.30 -2.00 -16.13
N VAL A 218 -26.01 -2.21 -14.84
CA VAL A 218 -24.94 -1.45 -14.20
C VAL A 218 -23.59 -1.84 -14.80
N VAL A 219 -23.40 -3.13 -15.07
CA VAL A 219 -22.14 -3.57 -15.66
C VAL A 219 -22.02 -3.09 -17.09
N GLN A 220 -23.15 -2.95 -17.80
CA GLN A 220 -23.12 -2.55 -19.20
C GLN A 220 -22.87 -1.05 -19.38
N THR A 221 -22.67 -0.31 -18.29
CA THR A 221 -22.30 1.10 -18.44
C THR A 221 -20.84 1.25 -18.88
N ASN A 222 -20.00 0.29 -18.53
CA ASN A 222 -18.58 0.41 -18.84
C ASN A 222 -18.30 0.44 -20.34
N PRO A 223 -18.83 -0.47 -21.15
CA PRO A 223 -18.53 -0.41 -22.59
C PRO A 223 -18.92 0.92 -23.22
N VAL A 224 -19.98 1.56 -22.73
CA VAL A 224 -20.38 2.86 -23.27
C VAL A 224 -19.40 3.94 -22.84
N LEU A 225 -19.21 4.09 -21.52
CA LEU A 225 -18.38 5.18 -21.01
C LEU A 225 -16.92 4.98 -21.41
N GLU A 226 -16.43 3.75 -21.41
CA GLU A 226 -15.06 3.50 -21.86
C GLU A 226 -14.91 3.73 -23.36
N ALA A 227 -15.97 3.50 -24.14
CA ALA A 227 -15.88 3.75 -25.58
C ALA A 227 -15.71 5.24 -25.87
N PHE A 228 -16.40 6.10 -25.12
CA PHE A 228 -16.33 7.53 -25.33
C PHE A 228 -15.36 8.24 -24.40
N GLY A 229 -14.93 7.58 -23.33
CA GLY A 229 -14.12 8.24 -22.32
C GLY A 229 -12.71 7.72 -22.16
N ASN A 230 -12.41 6.56 -22.74
CA ASN A 230 -11.09 5.97 -22.63
C ASN A 230 -10.35 6.07 -23.95
N ALA A 231 -9.02 6.04 -23.86
CA ALA A 231 -8.18 6.17 -25.04
C ALA A 231 -6.83 5.54 -24.74
N LYS A 232 -6.11 5.20 -25.81
CA LYS A 232 -4.81 4.58 -25.67
C LYS A 232 -3.75 5.65 -25.42
N THR A 233 -2.96 5.46 -24.37
CA THR A 233 -1.80 6.27 -24.09
C THR A 233 -0.58 5.36 -23.98
N VAL A 234 0.60 5.98 -23.86
CA VAL A 234 1.82 5.20 -23.71
C VAL A 234 1.75 4.35 -22.45
N ARG A 235 1.18 4.89 -21.37
CA ARG A 235 1.13 4.16 -20.11
C ARG A 235 0.06 3.06 -20.10
N ASN A 236 -1.04 3.26 -20.81
CA ASN A 236 -2.20 2.39 -20.67
C ASN A 236 -2.99 2.38 -21.97
N ASP A 237 -3.10 1.20 -22.59
CA ASP A 237 -3.85 1.08 -23.83
C ASP A 237 -5.33 1.43 -23.64
N ASN A 238 -5.81 1.44 -22.41
CA ASN A 238 -7.21 1.74 -22.09
C ASN A 238 -7.27 2.78 -20.97
N SER A 239 -6.56 3.89 -21.18
CA SER A 239 -6.48 4.91 -20.15
C SER A 239 -7.83 5.60 -19.96
N SER A 240 -8.19 5.84 -18.70
CA SER A 240 -9.39 6.60 -18.38
C SER A 240 -9.09 8.08 -18.48
N ARG A 241 -9.76 8.77 -19.42
CA ARG A 241 -9.59 10.20 -19.61
C ARG A 241 -10.62 11.00 -18.82
N PHE A 242 -11.26 10.37 -17.84
CA PHE A 242 -12.22 11.04 -16.98
C PHE A 242 -12.18 10.35 -15.62
N GLY A 243 -12.58 11.08 -14.59
CA GLY A 243 -12.79 10.51 -13.29
C GLY A 243 -14.21 10.01 -13.12
N LYS A 244 -14.39 9.05 -12.21
CA LYS A 244 -15.66 8.37 -12.09
C LYS A 244 -15.99 8.13 -10.62
N PHE A 245 -17.24 8.38 -10.25
CA PHE A 245 -17.76 8.05 -8.93
C PHE A 245 -19.13 7.43 -9.13
N ILE A 246 -19.27 6.15 -8.78
CA ILE A 246 -20.51 5.43 -8.96
C ILE A 246 -21.02 5.00 -7.59
N ARG A 247 -22.30 5.23 -7.35
CA ARG A 247 -22.97 4.79 -6.13
C ARG A 247 -23.89 3.62 -6.47
N ILE A 248 -23.70 2.51 -5.76
CA ILE A 248 -24.57 1.34 -5.89
C ILE A 248 -25.53 1.38 -4.72
N HIS A 249 -26.82 1.60 -5.01
CA HIS A 249 -27.83 1.74 -3.98
C HIS A 249 -28.44 0.39 -3.64
N PHE A 250 -28.67 0.15 -2.35
CA PHE A 250 -29.27 -1.08 -1.86
C PHE A 250 -30.54 -0.77 -1.09
N GLY A 251 -31.57 -1.58 -1.32
CA GLY A 251 -32.80 -1.45 -0.61
C GLY A 251 -32.66 -1.87 0.85
N PRO A 252 -33.75 -1.70 1.61
CA PRO A 252 -33.67 -2.01 3.04
C PRO A 252 -33.28 -3.44 3.34
N THR A 253 -33.55 -4.37 2.42
CA THR A 253 -33.25 -5.78 2.60
C THR A 253 -31.90 -6.16 1.99
N GLY A 254 -31.13 -5.17 1.53
CA GLY A 254 -29.80 -5.43 1.01
C GLY A 254 -29.76 -5.88 -0.43
N LYS A 255 -30.85 -5.70 -1.16
CA LYS A 255 -30.90 -6.06 -2.57
C LYS A 255 -30.60 -4.83 -3.43
N LEU A 256 -29.99 -5.08 -4.57
CA LEU A 256 -29.69 -4.01 -5.52
C LEU A 256 -30.94 -3.21 -5.82
N ALA A 257 -30.85 -1.88 -5.65
CA ALA A 257 -31.97 -0.99 -5.84
C ALA A 257 -31.75 0.08 -6.90
N GLY A 258 -30.51 0.29 -7.34
CA GLY A 258 -30.23 1.30 -8.33
C GLY A 258 -28.79 1.76 -8.25
N ALA A 259 -28.48 2.76 -9.06
CA ALA A 259 -27.13 3.30 -9.10
C ALA A 259 -27.15 4.63 -9.85
N ASP A 260 -26.10 5.42 -9.63
CA ASP A 260 -25.91 6.67 -10.36
C ASP A 260 -24.41 6.90 -10.53
N ILE A 261 -24.06 7.61 -11.60
CA ILE A 261 -22.68 7.83 -11.99
C ILE A 261 -22.43 9.33 -12.13
N GLU A 262 -21.27 9.78 -11.62
CA GLU A 262 -20.78 11.13 -11.85
C GLU A 262 -19.37 11.05 -12.44
N THR A 263 -19.11 11.87 -13.44
CA THR A 263 -17.82 11.90 -14.12
C THR A 263 -17.18 13.28 -13.98
N TYR A 264 -15.87 13.32 -14.14
CA TYR A 264 -15.10 14.53 -13.90
C TYR A 264 -14.00 14.69 -14.95
N LEU A 265 -13.86 15.92 -15.45
CA LEU A 265 -12.68 16.36 -16.20
C LEU A 265 -12.39 15.46 -17.40
N LEU A 266 -13.38 15.33 -18.28
CA LEU A 266 -13.15 14.65 -19.55
C LEU A 266 -12.19 15.48 -20.39
N GLU A 267 -11.14 14.81 -20.91
CA GLU A 267 -10.11 15.49 -21.69
C GLU A 267 -10.63 15.88 -23.07
N LYS A 268 -11.17 17.10 -23.19
CA LYS A 268 -11.79 17.53 -24.45
C LYS A 268 -10.79 17.54 -25.59
N ALA A 269 -9.55 17.98 -25.33
CA ALA A 269 -8.61 18.22 -26.40
C ALA A 269 -8.31 16.97 -27.20
N ARG A 270 -8.43 15.79 -26.58
CA ARG A 270 -8.14 14.55 -27.28
C ARG A 270 -9.10 14.32 -28.45
N VAL A 271 -10.22 15.04 -28.49
CA VAL A 271 -11.17 14.89 -29.60
C VAL A 271 -10.56 15.40 -30.90
N ILE A 272 -9.68 16.40 -30.82
CA ILE A 272 -9.13 17.04 -32.01
C ILE A 272 -7.61 17.02 -32.05
N SER A 273 -6.95 16.43 -31.06
CA SER A 273 -5.49 16.46 -30.99
C SER A 273 -4.98 15.22 -30.29
N GLN A 274 -3.95 14.59 -30.87
CA GLN A 274 -3.30 13.44 -30.26
C GLN A 274 -1.78 13.59 -30.37
N GLN A 275 -1.07 13.08 -29.38
CA GLN A 275 0.36 12.92 -29.48
C GLN A 275 0.68 11.72 -30.37
N SER A 276 1.93 11.65 -30.83
CA SER A 276 2.29 10.69 -31.87
C SER A 276 2.00 9.26 -31.43
N LEU A 277 2.25 8.93 -30.17
CA LEU A 277 2.16 7.56 -29.70
C LEU A 277 0.79 7.21 -29.13
N GLU A 278 -0.19 8.10 -29.23
CA GLU A 278 -1.47 7.95 -28.55
C GLU A 278 -2.62 7.98 -29.55
N ARG A 279 -3.78 7.54 -29.08
CA ARG A 279 -5.01 7.53 -29.84
C ARG A 279 -5.97 8.57 -29.30
N SER A 280 -6.99 8.89 -30.10
CA SER A 280 -8.15 9.60 -29.57
C SER A 280 -9.04 8.58 -28.88
N TYR A 281 -10.30 8.93 -28.65
CA TYR A 281 -11.20 8.04 -27.91
C TYR A 281 -11.54 6.82 -28.74
N HIS A 282 -11.66 5.68 -28.05
CA HIS A 282 -11.89 4.40 -28.72
C HIS A 282 -13.04 4.49 -29.72
N ILE A 283 -14.09 5.25 -29.39
CA ILE A 283 -15.31 5.21 -30.18
C ILE A 283 -15.03 5.56 -31.64
N PHE A 284 -14.13 6.51 -31.88
CA PHE A 284 -13.88 6.95 -33.25
C PHE A 284 -13.37 5.81 -34.12
N TYR A 285 -12.59 4.91 -33.55
CA TYR A 285 -12.06 3.76 -34.27
C TYR A 285 -13.02 2.59 -34.24
N GLN A 286 -13.77 2.42 -33.14
CA GLN A 286 -14.82 1.41 -33.11
C GLN A 286 -15.83 1.63 -34.23
N ILE A 287 -16.29 2.88 -34.39
CA ILE A 287 -17.28 3.17 -35.42
C ILE A 287 -16.69 2.95 -36.80
N MET A 288 -15.40 3.25 -36.98
CA MET A 288 -14.76 3.07 -38.28
C MET A 288 -14.48 1.62 -38.61
N SER A 289 -14.58 0.71 -37.63
CA SER A 289 -14.29 -0.69 -37.90
C SER A 289 -15.28 -1.31 -38.88
N GLY A 290 -16.50 -0.77 -38.94
CA GLY A 290 -17.52 -1.33 -39.80
C GLY A 290 -18.13 -2.62 -39.29
N SER A 291 -17.85 -3.02 -38.05
CA SER A 291 -18.38 -4.28 -37.52
C SER A 291 -19.87 -4.22 -37.20
N VAL A 292 -20.51 -3.07 -37.33
CA VAL A 292 -21.94 -2.92 -37.07
C VAL A 292 -22.59 -2.47 -38.37
N PRO A 293 -23.49 -3.27 -38.95
CA PRO A 293 -24.04 -2.92 -40.27
C PRO A 293 -24.79 -1.60 -40.24
N GLY A 294 -24.71 -0.88 -41.35
CA GLY A 294 -25.45 0.35 -41.54
C GLY A 294 -24.84 1.59 -40.93
N VAL A 295 -23.93 1.45 -39.96
CA VAL A 295 -23.47 2.60 -39.20
C VAL A 295 -22.68 3.55 -40.09
N LYS A 296 -21.64 3.05 -40.75
CA LYS A 296 -20.78 3.92 -41.54
C LYS A 296 -21.56 4.57 -42.68
N GLU A 297 -22.49 3.84 -43.28
CA GLU A 297 -23.32 4.43 -44.34
C GLU A 297 -24.15 5.59 -43.79
N MET A 298 -24.89 5.34 -42.70
CA MET A 298 -25.69 6.39 -42.08
C MET A 298 -24.84 7.60 -41.73
N CYS A 299 -23.57 7.38 -41.38
CA CYS A 299 -22.68 8.44 -40.95
C CYS A 299 -21.83 9.00 -42.07
N PHE A 300 -22.01 8.51 -43.31
CA PHE A 300 -21.25 9.00 -44.46
C PHE A 300 -19.74 8.85 -44.21
N LEU A 301 -19.36 7.76 -43.56
CA LEU A 301 -17.98 7.55 -43.16
C LEU A 301 -17.25 6.73 -44.22
N SER A 302 -16.09 7.22 -44.64
CA SER A 302 -15.25 6.51 -45.60
C SER A 302 -14.62 5.31 -44.92
N ASP A 303 -13.66 4.68 -45.60
CA ASP A 303 -12.94 3.52 -45.08
C ASP A 303 -11.46 3.85 -44.90
N ASN A 304 -11.14 5.13 -44.71
CA ASN A 304 -9.77 5.59 -44.49
C ASN A 304 -9.80 6.49 -43.25
N ILE A 305 -9.34 5.95 -42.11
CA ILE A 305 -9.34 6.72 -40.87
C ILE A 305 -8.60 8.04 -41.06
N TYR A 306 -7.54 8.02 -41.87
CA TYR A 306 -6.72 9.21 -42.08
C TYR A 306 -7.44 10.30 -42.86
N ASP A 307 -8.67 10.03 -43.35
CA ASP A 307 -9.49 11.08 -43.94
C ASP A 307 -9.98 12.08 -42.88
N TYR A 308 -9.77 11.79 -41.60
CA TYR A 308 -10.27 12.63 -40.50
C TYR A 308 -9.08 13.02 -39.64
N TYR A 309 -8.65 14.28 -39.78
CA TYR A 309 -7.44 14.75 -39.12
C TYR A 309 -7.60 14.78 -37.59
N ASN A 310 -8.81 15.08 -37.11
CA ASN A 310 -9.02 15.20 -35.68
C ASN A 310 -8.64 13.95 -34.90
N VAL A 311 -8.53 12.81 -35.58
CA VAL A 311 -8.40 11.52 -34.89
C VAL A 311 -7.14 10.76 -35.29
N SER A 312 -6.49 11.10 -36.40
CA SER A 312 -5.40 10.31 -36.94
C SER A 312 -4.04 11.01 -36.82
N GLN A 313 -3.91 11.90 -35.83
CA GLN A 313 -2.63 12.59 -35.63
C GLN A 313 -1.59 11.71 -34.97
N GLY A 314 -2.01 10.66 -34.27
CA GLY A 314 -1.08 9.73 -33.65
C GLY A 314 -1.35 8.31 -34.11
N LYS A 315 -1.33 7.37 -33.18
CA LYS A 315 -1.63 5.99 -33.51
C LYS A 315 -3.12 5.82 -33.78
N VAL A 316 -3.45 4.84 -34.62
CA VAL A 316 -4.82 4.56 -35.01
C VAL A 316 -5.22 3.13 -34.70
N THR A 317 -4.32 2.31 -34.18
CA THR A 317 -4.62 0.96 -33.77
C THR A 317 -3.94 0.67 -32.45
N VAL A 318 -4.43 -0.34 -31.75
CA VAL A 318 -3.86 -0.76 -30.47
C VAL A 318 -3.59 -2.26 -30.54
N PRO A 319 -2.36 -2.70 -30.23
CA PRO A 319 -2.09 -4.15 -30.24
C PRO A 319 -3.07 -4.90 -29.35
N ASN A 320 -3.52 -6.06 -29.83
CA ASN A 320 -4.37 -6.96 -29.07
C ASN A 320 -5.74 -6.37 -28.78
N MET A 321 -6.13 -5.29 -29.46
CA MET A 321 -7.43 -4.69 -29.29
C MET A 321 -8.18 -4.73 -30.62
N ASP A 322 -9.37 -5.30 -30.61
CA ASP A 322 -10.20 -5.46 -31.81
C ASP A 322 -11.31 -4.42 -31.74
N ASP A 323 -11.06 -3.26 -32.32
CA ASP A 323 -12.06 -2.20 -32.32
C ASP A 323 -13.40 -2.67 -32.89
N GLY A 324 -13.37 -3.65 -33.80
CA GLY A 324 -14.62 -4.18 -34.33
C GLY A 324 -15.40 -4.94 -33.28
N GLU A 325 -14.72 -5.85 -32.57
CA GLU A 325 -15.39 -6.58 -31.49
C GLU A 325 -15.84 -5.64 -30.39
N GLU A 326 -15.10 -4.55 -30.17
CA GLU A 326 -15.48 -3.62 -29.11
C GLU A 326 -16.71 -2.81 -29.51
N PHE A 327 -16.83 -2.45 -30.79
CA PHE A 327 -17.99 -1.68 -31.23
C PHE A 327 -19.27 -2.50 -31.06
N GLN A 328 -19.24 -3.78 -31.43
CA GLN A 328 -20.40 -4.65 -31.24
C GLN A 328 -20.80 -4.69 -29.77
N LEU A 329 -19.83 -4.90 -28.88
CA LEU A 329 -20.12 -4.93 -27.45
C LEU A 329 -20.72 -3.61 -26.99
N ALA A 330 -20.11 -2.50 -27.40
CA ALA A 330 -20.64 -1.18 -27.02
C ALA A 330 -22.04 -0.98 -27.58
N ASP A 331 -22.22 -1.24 -28.87
CA ASP A 331 -23.55 -1.11 -29.47
C ASP A 331 -24.56 -1.98 -28.72
N GLN A 332 -24.15 -3.18 -28.32
CA GLN A 332 -25.02 -4.06 -27.56
C GLN A 332 -25.37 -3.45 -26.20
N ALA A 333 -24.41 -2.79 -25.56
CA ALA A 333 -24.67 -2.18 -24.27
C ALA A 333 -25.78 -1.14 -24.35
N PHE A 334 -25.76 -0.30 -25.39
CA PHE A 334 -26.83 0.67 -25.58
C PHE A 334 -28.20 0.00 -25.53
N ASP A 335 -28.31 -1.17 -26.15
CA ASP A 335 -29.58 -1.90 -26.16
C ASP A 335 -29.97 -2.33 -24.75
N ILE A 336 -29.05 -2.98 -24.05
CA ILE A 336 -29.34 -3.43 -22.69
C ILE A 336 -29.72 -2.25 -21.80
N LEU A 337 -29.02 -1.13 -21.97
CA LEU A 337 -29.28 0.04 -21.14
C LEU A 337 -30.58 0.74 -21.51
N GLY A 338 -31.24 0.34 -22.58
CA GLY A 338 -32.53 0.91 -22.94
C GLY A 338 -32.46 2.09 -23.87
N PHE A 339 -31.37 2.26 -24.61
CA PHE A 339 -31.29 3.32 -25.62
C PHE A 339 -32.23 2.98 -26.77
N THR A 340 -33.17 3.89 -27.08
CA THR A 340 -33.99 3.71 -28.26
C THR A 340 -33.10 3.64 -29.49
N LYS A 341 -33.67 3.14 -30.59
CA LYS A 341 -32.93 3.08 -31.84
C LYS A 341 -32.57 4.48 -32.33
N GLN A 342 -33.52 5.41 -32.26
CA GLN A 342 -33.24 6.79 -32.67
C GLN A 342 -32.14 7.40 -31.79
N GLU A 343 -32.20 7.17 -30.48
CA GLU A 343 -31.17 7.68 -29.59
C GLU A 343 -29.81 7.09 -29.94
N LYS A 344 -29.74 5.76 -30.02
CA LYS A 344 -28.48 5.10 -30.37
C LYS A 344 -27.93 5.64 -31.69
N GLU A 345 -28.78 5.75 -32.71
CA GLU A 345 -28.31 6.14 -34.04
C GLU A 345 -27.86 7.60 -34.06
N ASP A 346 -28.52 8.47 -33.30
CA ASP A 346 -28.08 9.86 -33.25
C ASP A 346 -26.76 10.00 -32.52
N VAL A 347 -26.49 9.13 -31.54
CA VAL A 347 -25.19 9.13 -30.88
C VAL A 347 -24.09 8.87 -31.89
N TYR A 348 -24.29 7.88 -32.77
CA TYR A 348 -23.31 7.62 -33.82
C TYR A 348 -23.22 8.79 -34.80
N ARG A 349 -24.37 9.35 -35.18
CA ARG A 349 -24.36 10.50 -36.09
C ARG A 349 -23.53 11.63 -35.53
N ILE A 350 -23.84 12.06 -34.29
CA ILE A 350 -23.11 13.16 -33.70
C ILE A 350 -21.63 12.83 -33.59
N THR A 351 -21.31 11.57 -33.26
CA THR A 351 -19.92 11.17 -33.13
C THR A 351 -19.18 11.33 -34.46
N ALA A 352 -19.79 10.84 -35.55
CA ALA A 352 -19.18 11.00 -36.86
C ALA A 352 -19.18 12.46 -37.31
N ALA A 353 -20.21 13.21 -36.95
CA ALA A 353 -20.23 14.63 -37.29
C ALA A 353 -19.00 15.34 -36.74
N VAL A 354 -18.58 14.97 -35.52
CA VAL A 354 -17.37 15.55 -34.95
C VAL A 354 -16.17 15.23 -35.82
N MET A 355 -16.09 14.00 -36.32
CA MET A 355 -14.99 13.63 -37.21
C MET A 355 -15.02 14.44 -38.49
N HIS A 356 -16.20 14.58 -39.10
CA HIS A 356 -16.31 15.29 -40.37
C HIS A 356 -15.93 16.76 -40.21
N MET A 357 -16.34 17.39 -39.11
CA MET A 357 -16.08 18.81 -38.93
C MET A 357 -14.59 19.13 -39.05
N GLY A 358 -13.73 18.19 -38.66
CA GLY A 358 -12.31 18.40 -38.80
C GLY A 358 -11.80 18.40 -40.23
N GLY A 359 -12.66 18.05 -41.19
CA GLY A 359 -12.25 18.03 -42.58
C GLY A 359 -12.73 19.23 -43.36
N MET A 360 -13.60 20.04 -42.75
CA MET A 360 -14.13 21.24 -43.40
C MET A 360 -12.99 22.23 -43.61
N LYS A 361 -12.51 22.33 -44.84
CA LYS A 361 -11.43 23.25 -45.17
C LYS A 361 -11.98 24.61 -45.58
N PHE A 362 -11.12 25.62 -45.50
CA PHE A 362 -11.49 26.99 -45.81
C PHE A 362 -10.32 27.68 -46.51
N LYS A 363 -10.51 28.95 -46.85
CA LYS A 363 -9.49 29.73 -47.53
C LYS A 363 -9.80 31.21 -47.41
N GLN A 364 -8.80 32.03 -47.67
CA GLN A 364 -8.94 33.48 -47.56
C GLN A 364 -9.65 34.04 -48.79
N ARG A 365 -9.96 35.33 -48.73
CA ARG A 365 -10.69 36.01 -49.79
C ARG A 365 -10.01 37.32 -50.18
N GLY A 366 -9.96 38.27 -49.26
CA GLY A 366 -9.35 39.56 -49.54
C GLY A 366 -9.36 40.51 -48.37
N ARG A 367 -10.35 41.39 -48.32
CA ARG A 367 -10.46 42.35 -47.22
C ARG A 367 -10.54 41.61 -45.90
N GLU A 368 -9.77 42.10 -44.92
CA GLU A 368 -9.70 41.51 -43.58
C GLU A 368 -9.47 40.00 -43.65
N GLU A 369 -8.87 39.54 -44.74
CA GLU A 369 -8.64 38.12 -45.01
C GLU A 369 -9.85 37.29 -44.56
N GLN A 370 -11.04 37.78 -44.91
CA GLN A 370 -12.27 37.12 -44.53
C GLN A 370 -12.39 35.77 -45.23
N ALA A 371 -12.64 34.73 -44.45
CA ALA A 371 -12.55 33.36 -44.94
C ALA A 371 -13.82 32.98 -45.70
N GLU A 372 -13.72 31.86 -46.43
CA GLU A 372 -14.84 31.30 -47.16
C GLU A 372 -14.57 29.82 -47.38
N GLN A 373 -15.66 29.05 -47.51
CA GLN A 373 -15.52 27.60 -47.62
C GLN A 373 -14.71 27.22 -48.86
N ASP A 374 -13.85 26.23 -48.69
CA ASP A 374 -13.06 25.65 -49.78
C ASP A 374 -13.47 24.19 -49.95
N GLY A 375 -14.66 23.99 -50.53
CA GLY A 375 -15.23 22.65 -50.63
C GLY A 375 -16.27 22.43 -49.55
N GLU A 376 -17.47 22.03 -49.97
CA GLU A 376 -18.56 21.78 -49.04
C GLU A 376 -18.86 20.30 -48.86
N GLU A 377 -17.93 19.43 -49.30
CA GLU A 377 -18.16 17.99 -49.18
C GLU A 377 -18.38 17.60 -47.73
N GLU A 378 -17.36 17.81 -46.89
CA GLU A 378 -17.49 17.45 -45.48
C GLU A 378 -18.55 18.30 -44.79
N GLY A 379 -18.61 19.59 -45.09
CA GLY A 379 -19.62 20.44 -44.50
C GLY A 379 -21.02 19.91 -44.70
N GLY A 380 -21.29 19.34 -45.88
CA GLY A 380 -22.60 18.76 -46.13
C GLY A 380 -22.86 17.53 -45.28
N ARG A 381 -21.83 16.70 -45.09
CA ARG A 381 -21.96 15.54 -44.21
C ARG A 381 -22.31 15.99 -42.80
N VAL A 382 -21.61 17.00 -42.30
CA VAL A 382 -21.88 17.50 -40.95
C VAL A 382 -23.32 18.00 -40.85
N SER A 383 -23.74 18.80 -41.84
CA SER A 383 -25.08 19.38 -41.81
C SER A 383 -26.15 18.30 -41.79
N LYS A 384 -26.04 17.32 -42.68
CA LYS A 384 -27.03 16.25 -42.73
C LYS A 384 -27.10 15.49 -41.41
N LEU A 385 -25.95 15.22 -40.81
CA LEU A 385 -25.92 14.47 -39.55
C LEU A 385 -26.52 15.29 -38.42
N PHE A 386 -26.15 16.57 -38.31
CA PHE A 386 -26.71 17.45 -37.30
C PHE A 386 -28.11 17.93 -37.65
N GLY A 387 -28.65 17.56 -38.81
CA GLY A 387 -29.96 18.03 -39.21
C GLY A 387 -30.06 19.52 -39.36
N CYS A 388 -29.07 20.14 -40.00
CA CYS A 388 -29.02 21.58 -40.20
C CYS A 388 -28.92 21.90 -41.68
N ASP A 389 -29.27 23.14 -42.02
CA ASP A 389 -29.14 23.61 -43.39
C ASP A 389 -27.66 23.91 -43.66
N THR A 390 -27.11 23.27 -44.68
CA THR A 390 -25.69 23.45 -45.00
C THR A 390 -25.38 24.92 -45.26
N ALA A 391 -26.19 25.58 -46.08
CA ALA A 391 -25.95 26.99 -46.37
C ALA A 391 -25.94 27.83 -45.09
N GLU A 392 -26.97 27.67 -44.27
CA GLU A 392 -27.04 28.42 -43.02
C GLU A 392 -25.86 28.09 -42.12
N LEU A 393 -25.43 26.83 -42.09
CA LEU A 393 -24.32 26.44 -41.23
C LEU A 393 -23.05 27.20 -41.58
N TYR A 394 -22.62 27.09 -42.84
CA TYR A 394 -21.43 27.84 -43.26
C TYR A 394 -21.60 29.33 -43.04
N LYS A 395 -22.84 29.83 -43.12
CA LYS A 395 -23.07 31.26 -42.94
C LYS A 395 -22.86 31.68 -41.49
N ASN A 396 -23.32 30.86 -40.55
CA ASN A 396 -23.14 31.19 -39.14
C ASN A 396 -21.69 30.99 -38.69
N LEU A 397 -20.92 30.18 -39.41
CA LEU A 397 -19.50 30.01 -39.08
C LEU A 397 -18.68 31.18 -39.61
N LEU A 398 -18.91 31.58 -40.86
CA LEU A 398 -18.10 32.60 -41.48
C LEU A 398 -18.59 34.01 -41.14
N LYS A 399 -19.91 34.17 -41.01
CA LYS A 399 -20.53 35.48 -40.75
C LYS A 399 -21.46 35.34 -39.54
N PRO A 400 -20.90 35.13 -38.35
CA PRO A 400 -21.75 35.07 -37.15
C PRO A 400 -22.29 36.45 -36.81
N ARG A 401 -23.31 36.45 -35.95
CA ARG A 401 -23.98 37.68 -35.54
C ARG A 401 -24.00 37.77 -34.02
N ILE A 402 -23.97 39.02 -33.53
CA ILE A 402 -23.96 39.32 -32.10
C ILE A 402 -25.07 40.33 -31.84
N LYS A 403 -25.47 40.41 -30.57
CA LYS A 403 -26.48 41.36 -30.12
C LYS A 403 -25.80 42.49 -29.36
N VAL A 404 -26.01 43.72 -29.81
CA VAL A 404 -25.62 44.89 -29.03
C VAL A 404 -26.72 45.30 -28.06
N GLY A 405 -27.96 44.89 -28.32
CA GLY A 405 -29.09 45.22 -27.47
C GLY A 405 -30.39 44.83 -28.11
N ASN A 406 -30.64 45.37 -29.31
CA ASN A 406 -31.82 45.01 -30.09
C ASN A 406 -31.48 45.07 -31.58
N GLU A 407 -30.25 44.69 -31.93
CA GLU A 407 -29.81 44.71 -33.32
C GLU A 407 -28.87 43.55 -33.56
N PHE A 408 -28.68 43.21 -34.84
CA PHE A 408 -27.73 42.20 -35.26
C PHE A 408 -26.53 42.88 -35.92
N VAL A 409 -25.42 42.14 -35.99
CA VAL A 409 -24.20 42.62 -36.61
C VAL A 409 -23.62 41.49 -37.45
N THR A 410 -23.18 41.83 -38.66
CA THR A 410 -22.61 40.85 -39.58
C THR A 410 -21.09 40.82 -39.40
N GLN A 411 -20.66 40.16 -38.33
CA GLN A 411 -19.24 40.07 -38.01
C GLN A 411 -18.55 39.08 -38.94
N GLY A 412 -17.35 39.47 -39.41
CA GLY A 412 -16.57 38.59 -40.26
C GLY A 412 -15.62 37.71 -39.46
N ARG A 413 -14.99 36.78 -40.17
CA ARG A 413 -14.07 35.82 -39.57
C ARG A 413 -13.04 35.40 -40.60
N ASN A 414 -11.76 35.39 -40.22
CA ASN A 414 -10.70 34.91 -41.09
C ASN A 414 -10.56 33.40 -40.95
N VAL A 415 -9.62 32.82 -41.70
CA VAL A 415 -9.47 31.37 -41.73
C VAL A 415 -9.11 30.83 -40.35
N GLN A 416 -8.23 31.52 -39.63
CA GLN A 416 -7.79 31.01 -38.34
C GLN A 416 -8.89 31.09 -37.29
N GLN A 417 -9.63 32.20 -37.26
CA GLN A 417 -10.76 32.29 -36.34
C GLN A 417 -11.78 31.20 -36.64
N VAL A 418 -12.02 30.92 -37.93
CA VAL A 418 -12.97 29.87 -38.30
C VAL A 418 -12.43 28.51 -37.90
N THR A 419 -11.17 28.23 -38.20
CA THR A 419 -10.57 26.95 -37.82
C THR A 419 -10.74 26.69 -36.33
N ASN A 420 -10.44 27.69 -35.49
CA ASN A 420 -10.53 27.49 -34.05
C ASN A 420 -11.97 27.32 -33.60
N SER A 421 -12.92 27.99 -34.25
CA SER A 421 -14.33 27.79 -33.90
C SER A 421 -14.75 26.35 -34.16
N ILE A 422 -14.24 25.74 -35.24
CA ILE A 422 -14.56 24.35 -35.54
C ILE A 422 -14.08 23.46 -34.41
N GLY A 423 -12.79 23.56 -34.08
CA GLY A 423 -12.23 22.72 -33.02
C GLY A 423 -12.97 22.88 -31.70
N ALA A 424 -13.36 24.12 -31.38
CA ALA A 424 -14.14 24.34 -30.17
C ALA A 424 -15.46 23.58 -30.24
N LEU A 425 -16.15 23.68 -31.38
CA LEU A 425 -17.42 22.96 -31.53
C LEU A 425 -17.23 21.46 -31.42
N CYS A 426 -16.15 20.94 -32.02
CA CYS A 426 -15.85 19.52 -31.88
C CYS A 426 -15.76 19.12 -30.42
N LYS A 427 -14.99 19.88 -29.64
CA LYS A 427 -14.82 19.58 -28.22
C LYS A 427 -16.12 19.75 -27.46
N GLY A 428 -16.86 20.81 -27.77
CA GLY A 428 -18.11 21.06 -27.04
C GLY A 428 -19.16 20.00 -27.30
N VAL A 429 -19.26 19.52 -28.54
CA VAL A 429 -20.28 18.53 -28.86
C VAL A 429 -19.95 17.20 -28.19
N PHE A 430 -18.71 16.73 -28.33
CA PHE A 430 -18.34 15.44 -27.75
C PHE A 430 -18.48 15.48 -26.24
N ASP A 431 -17.99 16.54 -25.60
CA ASP A 431 -18.12 16.65 -24.15
C ASP A 431 -19.58 16.60 -23.74
N ARG A 432 -20.42 17.40 -24.40
CA ARG A 432 -21.84 17.40 -24.07
C ARG A 432 -22.48 16.06 -24.41
N LEU A 433 -22.03 15.41 -25.48
CA LEU A 433 -22.52 14.07 -25.79
C LEU A 433 -22.16 13.09 -24.67
N PHE A 434 -20.92 13.17 -24.18
CA PHE A 434 -20.51 12.28 -23.09
C PHE A 434 -21.37 12.50 -21.85
N LYS A 435 -21.55 13.77 -21.46
CA LYS A 435 -22.40 14.06 -20.31
C LYS A 435 -23.79 13.45 -20.48
N TRP A 436 -24.34 13.52 -21.70
CA TRP A 436 -25.68 12.98 -21.92
C TRP A 436 -25.70 11.47 -21.74
N LEU A 437 -24.69 10.77 -22.27
CA LEU A 437 -24.62 9.33 -22.06
C LEU A 437 -24.70 8.99 -20.58
N VAL A 438 -23.98 9.75 -19.75
CA VAL A 438 -24.02 9.51 -18.30
C VAL A 438 -25.42 9.81 -17.78
N LYS A 439 -26.01 10.92 -18.21
CA LYS A 439 -27.38 11.24 -17.80
C LYS A 439 -28.34 10.14 -18.22
N LYS A 440 -28.18 9.60 -19.43
CA LYS A 440 -29.07 8.55 -19.90
C LYS A 440 -28.88 7.27 -19.10
N CYS A 441 -27.63 6.96 -18.72
CA CYS A 441 -27.38 5.77 -17.91
C CYS A 441 -28.01 5.90 -16.52
N ASN A 442 -28.00 7.11 -15.95
CA ASN A 442 -28.59 7.30 -14.63
C ASN A 442 -30.10 7.16 -14.67
N GLU A 443 -30.73 7.58 -15.77
CA GLU A 443 -32.16 7.37 -15.94
C GLU A 443 -32.49 5.88 -15.96
N THR A 444 -31.73 5.10 -16.74
CA THR A 444 -31.97 3.67 -16.79
C THR A 444 -31.78 3.03 -15.42
N LEU A 445 -30.80 3.50 -14.65
CA LEU A 445 -30.44 2.89 -13.38
C LEU A 445 -31.23 3.44 -12.21
N ASP A 446 -32.16 4.37 -12.46
CA ASP A 446 -33.06 4.88 -11.43
C ASP A 446 -34.38 4.14 -11.56
N THR A 447 -34.61 3.17 -10.67
CA THR A 447 -35.81 2.34 -10.70
C THR A 447 -36.87 2.81 -9.72
N GLN A 448 -36.73 4.02 -9.17
CA GLN A 448 -37.72 4.63 -8.28
C GLN A 448 -38.12 3.71 -7.12
N GLN A 449 -37.30 2.71 -6.83
CA GLN A 449 -37.54 1.80 -5.70
C GLN A 449 -36.76 2.28 -4.49
N LYS A 450 -37.17 1.80 -3.32
CA LYS A 450 -36.65 2.33 -2.06
C LYS A 450 -35.14 2.15 -1.98
N ARG A 451 -34.41 3.26 -1.92
CA ARG A 451 -32.98 3.27 -1.70
C ARG A 451 -32.72 3.56 -0.23
N GLN A 452 -32.20 2.58 0.50
CA GLN A 452 -31.92 2.75 1.92
C GLN A 452 -30.48 3.22 2.16
N HIS A 453 -29.51 2.51 1.61
CA HIS A 453 -28.10 2.88 1.74
C HIS A 453 -27.42 2.69 0.39
N PHE A 454 -26.16 3.13 0.32
CA PHE A 454 -25.40 3.00 -0.91
C PHE A 454 -23.94 2.75 -0.57
N ILE A 455 -23.23 2.19 -1.55
CA ILE A 455 -21.78 2.02 -1.50
C ILE A 455 -21.23 2.76 -2.71
N GLY A 456 -20.39 3.76 -2.47
CA GLY A 456 -19.82 4.57 -3.53
C GLY A 456 -18.42 4.09 -3.88
N VAL A 457 -18.14 4.02 -5.18
CA VAL A 457 -16.84 3.59 -5.69
C VAL A 457 -16.24 4.74 -6.47
N LEU A 458 -15.01 5.12 -6.12
CA LEU A 458 -14.28 6.21 -6.77
C LEU A 458 -13.16 5.64 -7.63
N ASP A 459 -13.12 6.06 -8.90
CA ASP A 459 -12.12 5.61 -9.87
C ASP A 459 -11.54 6.86 -10.54
N ILE A 460 -10.47 7.40 -9.96
CA ILE A 460 -9.91 8.66 -10.41
C ILE A 460 -8.38 8.63 -10.30
N ALA A 461 -7.74 9.40 -11.17
CA ALA A 461 -6.28 9.42 -11.20
C ALA A 461 -5.71 9.90 -9.88
N GLY A 462 -4.72 9.18 -9.38
CA GLY A 462 -4.03 9.58 -8.17
C GLY A 462 -2.98 10.64 -8.42
N PHE A 463 -2.33 11.06 -7.34
CA PHE A 463 -1.22 11.98 -7.46
C PHE A 463 -0.15 11.40 -8.38
N GLU A 464 0.31 12.19 -9.33
CA GLU A 464 1.33 11.75 -10.28
C GLU A 464 2.13 12.96 -10.74
N ILE A 465 3.41 12.72 -11.04
CA ILE A 465 4.33 13.76 -11.46
C ILE A 465 4.86 13.39 -12.83
N PHE A 466 4.48 14.17 -13.84
CA PHE A 466 4.95 13.97 -15.19
C PHE A 466 6.09 14.95 -15.50
N GLU A 467 6.66 14.81 -16.69
CA GLU A 467 7.63 15.80 -17.17
C GLU A 467 6.94 17.13 -17.47
N TYR A 468 5.74 17.06 -18.05
CA TYR A 468 4.91 18.24 -18.31
C TYR A 468 3.65 18.11 -17.48
N ASN A 469 3.49 18.98 -16.48
CA ASN A 469 2.30 19.01 -15.63
C ASN A 469 1.51 20.26 -15.98
N GLY A 470 0.31 20.06 -16.52
CA GLY A 470 -0.52 21.17 -16.94
C GLY A 470 -1.77 21.37 -16.11
N PHE A 471 -2.81 21.92 -16.73
CA PHE A 471 -4.04 22.22 -16.01
C PHE A 471 -4.64 20.97 -15.40
N GLU A 472 -4.72 19.88 -16.18
CA GLU A 472 -5.33 18.66 -15.67
C GLU A 472 -4.57 18.14 -14.45
N GLN A 473 -3.24 18.09 -14.54
CA GLN A 473 -2.45 17.57 -13.43
C GLN A 473 -2.66 18.40 -12.17
N LEU A 474 -2.93 19.71 -12.31
CA LEU A 474 -3.19 20.53 -11.15
C LEU A 474 -4.50 20.14 -10.47
N CYS A 475 -5.55 19.93 -11.27
CA CYS A 475 -6.82 19.52 -10.69
C CYS A 475 -6.73 18.15 -10.05
N ILE A 476 -5.97 17.24 -10.66
CA ILE A 476 -5.84 15.89 -10.11
C ILE A 476 -5.05 15.93 -8.80
N ASN A 477 -3.91 16.62 -8.79
CA ASN A 477 -3.12 16.71 -7.56
C ASN A 477 -3.84 17.52 -6.50
N PHE A 478 -4.65 18.49 -6.91
CA PHE A 478 -5.52 19.19 -5.96
C PHE A 478 -6.55 18.25 -5.37
N THR A 479 -7.17 17.43 -6.22
CA THR A 479 -8.13 16.44 -5.75
C THR A 479 -7.48 15.49 -4.74
N ASN A 480 -6.30 14.97 -5.07
CA ASN A 480 -5.66 14.01 -4.18
C ASN A 480 -5.16 14.67 -2.91
N GLU A 481 -4.82 15.96 -2.96
CA GLU A 481 -4.51 16.69 -1.75
C GLU A 481 -5.67 16.61 -0.75
N LYS A 482 -6.90 16.71 -1.24
CA LYS A 482 -8.06 16.60 -0.36
C LYS A 482 -8.33 15.15 0.02
N LEU A 483 -8.08 14.20 -0.89
CA LEU A 483 -8.26 12.80 -0.53
C LEU A 483 -7.26 12.36 0.54
N GLN A 484 -6.03 12.88 0.48
CA GLN A 484 -5.03 12.51 1.48
C GLN A 484 -5.39 13.08 2.85
N GLN A 485 -5.87 14.32 2.90
CA GLN A 485 -6.32 14.88 4.17
C GLN A 485 -7.44 14.01 4.75
N PHE A 486 -8.42 13.66 3.92
CA PHE A 486 -9.47 12.74 4.37
C PHE A 486 -8.87 11.42 4.84
N PHE A 487 -7.90 10.88 4.08
CA PHE A 487 -7.29 9.61 4.44
C PHE A 487 -6.59 9.71 5.79
N ASN A 488 -5.71 10.71 5.95
CA ASN A 488 -4.98 10.85 7.20
C ASN A 488 -5.94 10.91 8.39
N HIS A 489 -6.99 11.71 8.27
CA HIS A 489 -7.96 11.85 9.36
C HIS A 489 -8.56 10.49 9.72
N ILE A 490 -8.97 9.72 8.71
CA ILE A 490 -9.62 8.44 8.97
C ILE A 490 -8.63 7.46 9.57
N MET A 491 -7.36 7.52 9.17
CA MET A 491 -6.37 6.61 9.72
C MET A 491 -6.21 6.83 11.22
N PHE A 492 -6.17 8.09 11.66
CA PHE A 492 -6.09 8.37 13.09
C PHE A 492 -7.28 7.76 13.83
N VAL A 493 -8.48 8.04 13.35
CA VAL A 493 -9.68 7.57 14.04
C VAL A 493 -9.71 6.06 14.11
N MET A 494 -9.56 5.40 12.95
CA MET A 494 -9.68 3.94 12.92
C MET A 494 -8.56 3.29 13.72
N GLU A 495 -7.33 3.81 13.63
CA GLU A 495 -6.24 3.24 14.41
C GLU A 495 -6.50 3.40 15.90
N GLN A 496 -7.06 4.54 16.30
CA GLN A 496 -7.47 4.71 17.69
C GLN A 496 -8.46 3.62 18.09
N GLU A 497 -9.39 3.29 17.20
CA GLU A 497 -10.29 2.15 17.43
C GLU A 497 -9.49 0.85 17.53
N GLU A 498 -8.59 0.62 16.58
CA GLU A 498 -7.81 -0.61 16.61
C GLU A 498 -7.09 -0.78 17.95
N TYR A 499 -6.56 0.31 18.50
CA TYR A 499 -5.95 0.22 19.82
C TYR A 499 -6.98 -0.06 20.91
N LYS A 500 -8.14 0.61 20.83
CA LYS A 500 -9.21 0.34 21.79
C LYS A 500 -9.57 -1.15 21.80
N LYS A 501 -9.61 -1.78 20.62
CA LYS A 501 -9.90 -3.20 20.56
C LYS A 501 -8.87 -4.01 21.34
N GLU A 502 -7.61 -3.56 21.33
CA GLU A 502 -6.55 -4.20 22.10
C GLU A 502 -6.54 -3.74 23.56
N GLY A 503 -7.53 -2.97 23.98
CA GLY A 503 -7.56 -2.50 25.36
C GLY A 503 -6.53 -1.44 25.67
N ILE A 504 -6.11 -0.66 24.68
CA ILE A 504 -5.08 0.36 24.84
C ILE A 504 -5.67 1.71 24.48
N ASN A 505 -5.32 2.74 25.24
CA ASN A 505 -5.64 4.11 24.88
C ASN A 505 -4.52 4.69 24.03
N TRP A 506 -4.87 5.18 22.85
CA TRP A 506 -3.89 5.69 21.90
C TRP A 506 -4.43 7.01 21.35
N ASP A 507 -3.66 8.08 21.51
CA ASP A 507 -4.11 9.41 21.05
C ASP A 507 -2.97 10.13 20.35
N PHE A 508 -3.14 10.34 19.05
CA PHE A 508 -2.24 11.17 18.26
C PHE A 508 -3.10 11.90 17.24
N ILE A 509 -3.03 13.23 17.26
CA ILE A 509 -4.01 14.07 16.58
C ILE A 509 -3.38 14.97 15.54
N ASP A 510 -2.19 15.51 15.83
CA ASP A 510 -1.58 16.60 15.07
C ASP A 510 -2.03 16.73 13.63
N PHE A 511 -2.53 17.91 13.27
CA PHE A 511 -2.86 18.27 11.89
C PHE A 511 -1.91 19.38 11.47
N GLY A 512 -0.81 19.02 10.82
CA GLY A 512 0.14 20.02 10.36
C GLY A 512 -0.47 20.94 9.32
N MET A 513 -0.04 22.20 9.35
CA MET A 513 -0.59 23.21 8.43
C MET A 513 -0.53 22.72 6.98
N ASP A 514 0.59 22.10 6.59
CA ASP A 514 0.78 21.72 5.20
C ASP A 514 -0.37 20.88 4.66
N LEU A 515 -1.09 20.18 5.52
CA LEU A 515 -2.25 19.43 5.05
C LEU A 515 -3.30 20.34 4.43
N LEU A 516 -3.33 21.61 4.86
CA LEU A 516 -4.26 22.58 4.31
C LEU A 516 -3.59 23.73 3.57
N ALA A 517 -2.27 23.88 3.68
CA ALA A 517 -1.59 25.00 3.04
C ALA A 517 -1.70 24.92 1.53
N CYS A 518 -1.36 23.76 0.96
CA CYS A 518 -1.48 23.58 -0.48
C CYS A 518 -2.92 23.75 -0.94
N ILE A 519 -3.87 23.16 -0.21
CA ILE A 519 -5.27 23.31 -0.56
C ILE A 519 -5.68 24.78 -0.56
N ASP A 520 -5.18 25.54 0.42
CA ASP A 520 -5.47 26.96 0.47
C ASP A 520 -4.84 27.69 -0.71
N LEU A 521 -3.57 27.39 -1.00
CA LEU A 521 -2.90 28.04 -2.13
C LEU A 521 -3.71 27.88 -3.40
N ILE A 522 -4.36 26.73 -3.57
CA ILE A 522 -5.08 26.41 -4.80
C ILE A 522 -6.52 26.91 -4.75
N GLU A 523 -7.18 26.80 -3.61
CA GLU A 523 -8.62 27.00 -3.51
C GLU A 523 -9.02 28.34 -2.91
N LYS A 524 -8.24 28.89 -1.97
CA LYS A 524 -8.64 30.12 -1.30
C LYS A 524 -8.70 31.28 -2.30
N PRO A 525 -9.45 32.33 -1.97
CA PRO A 525 -9.41 33.55 -2.79
C PRO A 525 -7.97 34.00 -3.04
N MET A 526 -7.76 34.56 -4.22
CA MET A 526 -6.43 34.97 -4.69
C MET A 526 -5.48 33.78 -4.82
N GLY A 527 -6.01 32.57 -4.84
CA GLY A 527 -5.21 31.38 -5.02
C GLY A 527 -4.93 31.11 -6.49
N ILE A 528 -4.42 29.90 -6.76
CA ILE A 528 -4.05 29.56 -8.12
C ILE A 528 -5.29 29.58 -9.02
N LEU A 529 -6.37 28.95 -8.57
CA LEU A 529 -7.57 28.87 -9.39
C LEU A 529 -8.33 30.19 -9.40
N SER A 530 -8.39 30.87 -8.25
CA SER A 530 -9.03 32.18 -8.20
C SER A 530 -8.42 33.13 -9.22
N ILE A 531 -7.09 33.17 -9.30
CA ILE A 531 -6.43 34.03 -10.27
C ILE A 531 -6.72 33.55 -11.69
N LEU A 532 -6.77 32.23 -11.89
CA LEU A 532 -7.09 31.70 -13.21
C LEU A 532 -8.48 32.12 -13.65
N GLU A 533 -9.42 32.22 -12.71
CA GLU A 533 -10.77 32.65 -13.04
C GLU A 533 -10.84 34.17 -13.16
N GLU A 534 -10.19 34.89 -12.24
CA GLU A 534 -10.10 36.35 -12.35
C GLU A 534 -9.51 36.76 -13.70
N GLU A 535 -8.44 36.09 -14.11
CA GLU A 535 -7.78 36.46 -15.36
C GLU A 535 -8.56 36.03 -16.59
N SER A 536 -9.52 35.11 -16.45
CA SER A 536 -10.30 34.65 -17.59
C SER A 536 -11.28 35.70 -18.10
N MET A 537 -11.50 36.78 -17.35
CA MET A 537 -12.44 37.83 -17.74
C MET A 537 -11.74 39.13 -18.12
N PHE A 538 -10.47 39.04 -18.52
CA PHE A 538 -9.67 40.15 -18.98
C PHE A 538 -9.41 40.03 -20.48
N PRO A 539 -8.93 41.10 -21.13
CA PRO A 539 -8.99 41.14 -22.61
C PRO A 539 -8.20 40.02 -23.25
N LYS A 540 -6.88 40.04 -23.11
CA LYS A 540 -6.02 39.00 -23.67
C LYS A 540 -5.38 38.18 -22.55
N ALA A 541 -4.45 38.76 -21.80
CA ALA A 541 -3.88 38.10 -20.63
C ALA A 541 -3.26 36.74 -20.96
N THR A 542 -2.83 36.56 -22.21
CA THR A 542 -2.39 35.26 -22.67
C THR A 542 -1.21 34.74 -21.84
N ASP A 543 -1.48 33.80 -20.93
CA ASP A 543 -0.45 33.04 -20.25
C ASP A 543 0.50 33.92 -19.45
N GLN A 544 1.30 34.75 -20.13
CA GLN A 544 2.36 35.48 -19.45
C GLN A 544 1.81 36.38 -18.35
N THR A 545 0.63 36.97 -18.58
CA THR A 545 0.05 37.82 -17.54
C THR A 545 -0.49 36.97 -16.39
N PHE A 546 -1.03 35.79 -16.69
CA PHE A 546 -1.41 34.85 -15.66
C PHE A 546 -0.19 34.35 -14.89
N SER A 547 0.90 34.09 -15.61
CA SER A 547 2.12 33.59 -14.96
C SER A 547 2.66 34.59 -13.95
N GLU A 548 2.87 35.83 -14.37
CA GLU A 548 3.45 36.83 -13.47
C GLU A 548 2.49 37.16 -12.33
N LYS A 549 1.19 37.21 -12.61
CA LYS A 549 0.22 37.46 -11.54
C LYS A 549 0.22 36.34 -10.51
N LEU A 550 0.67 35.14 -10.87
CA LEU A 550 0.82 34.08 -9.89
C LEU A 550 2.07 34.30 -9.03
N THR A 551 3.18 34.67 -9.67
CA THR A 551 4.43 34.85 -8.95
C THR A 551 4.35 36.07 -8.02
N ASN A 552 3.97 37.22 -8.56
CA ASN A 552 3.91 38.44 -7.74
C ASN A 552 3.00 38.27 -6.54
N THR A 553 2.01 37.38 -6.63
CA THR A 553 1.02 37.23 -5.58
C THR A 553 1.38 36.19 -4.54
N HIS A 554 2.27 35.25 -4.86
CA HIS A 554 2.50 34.13 -3.96
C HIS A 554 3.96 33.82 -3.71
N LEU A 555 4.83 33.97 -4.71
CA LEU A 555 6.24 33.63 -4.53
C LEU A 555 6.81 34.43 -3.36
N GLY A 556 7.46 33.73 -2.43
CA GLY A 556 7.95 34.35 -1.22
C GLY A 556 6.88 34.76 -0.24
N LYS A 557 5.61 34.55 -0.56
CA LYS A 557 4.49 34.92 0.30
C LYS A 557 3.67 33.73 0.75
N SER A 558 3.39 32.79 -0.14
CA SER A 558 2.72 31.54 0.21
C SER A 558 3.78 30.45 0.33
N ALA A 559 3.82 29.78 1.49
CA ALA A 559 4.86 28.81 1.79
C ALA A 559 4.99 27.77 0.69
N PRO A 560 3.93 27.05 0.34
CA PRO A 560 4.10 26.01 -0.69
C PRO A 560 4.47 26.54 -2.06
N PHE A 561 4.11 27.78 -2.37
CA PHE A 561 4.45 28.34 -3.68
C PHE A 561 5.96 28.50 -3.81
N GLN A 562 6.53 27.93 -4.88
CA GLN A 562 7.96 27.95 -5.07
C GLN A 562 8.30 28.30 -6.50
N LYS A 563 9.58 28.61 -6.72
CA LYS A 563 10.08 28.87 -8.06
C LYS A 563 10.11 27.57 -8.85
N PRO A 564 9.82 27.63 -10.16
CA PRO A 564 9.82 26.39 -10.95
C PRO A 564 11.21 25.82 -11.10
N LYS A 565 11.32 24.51 -11.01
CA LYS A 565 12.60 23.85 -11.20
C LYS A 565 13.07 24.05 -12.64
N PRO A 566 14.29 24.51 -12.87
CA PRO A 566 14.77 24.70 -14.25
C PRO A 566 14.58 23.43 -15.07
N PRO A 567 14.36 23.57 -16.38
CA PRO A 567 14.16 22.38 -17.21
C PRO A 567 15.48 21.74 -17.62
N LYS A 568 15.43 20.42 -17.77
CA LYS A 568 16.55 19.65 -18.28
C LYS A 568 16.48 19.57 -19.80
N PRO A 569 17.54 19.09 -20.46
CA PRO A 569 17.52 19.02 -21.92
C PRO A 569 16.29 18.27 -22.44
N GLY A 570 15.59 18.89 -23.37
CA GLY A 570 14.40 18.28 -23.95
C GLY A 570 13.12 18.57 -23.21
N GLN A 571 13.09 19.59 -22.37
CA GLN A 571 11.92 19.92 -21.57
C GLN A 571 11.61 21.41 -21.70
N GLN A 572 10.33 21.72 -21.81
CA GLN A 572 9.90 23.11 -21.81
C GLN A 572 9.90 23.66 -20.39
N ALA A 573 10.28 24.92 -20.25
CA ALA A 573 10.36 25.53 -18.93
C ALA A 573 8.99 25.57 -18.27
N ALA A 574 9.01 25.52 -16.93
CA ALA A 574 7.80 25.67 -16.13
C ALA A 574 7.73 27.07 -15.55
N HIS A 575 6.56 27.42 -15.02
CA HIS A 575 6.28 28.76 -14.56
C HIS A 575 6.17 28.89 -13.05
N PHE A 576 5.80 27.82 -12.34
CA PHE A 576 5.77 27.84 -10.89
C PHE A 576 5.74 26.39 -10.40
N ALA A 577 5.84 26.24 -9.08
CA ALA A 577 5.87 24.91 -8.48
C ALA A 577 5.10 24.92 -7.17
N ILE A 578 4.71 23.72 -6.74
CA ILE A 578 4.00 23.52 -5.48
C ILE A 578 4.68 22.37 -4.74
N ALA A 579 4.94 22.56 -3.45
CA ALA A 579 5.47 21.50 -2.60
C ALA A 579 4.30 20.66 -2.11
N HIS A 580 3.90 19.70 -2.93
CA HIS A 580 2.77 18.86 -2.58
C HIS A 580 3.18 17.87 -1.51
N TYR A 581 2.16 17.26 -0.89
CA TYR A 581 2.41 16.27 0.16
C TYR A 581 3.30 15.14 -0.34
N ALA A 582 3.23 14.84 -1.64
CA ALA A 582 3.96 13.72 -2.23
C ALA A 582 5.14 14.16 -3.08
N GLY A 583 5.51 15.43 -3.04
CA GLY A 583 6.66 15.89 -3.81
C GLY A 583 6.46 17.24 -4.48
N CYS A 584 7.54 17.80 -5.02
CA CYS A 584 7.51 19.10 -5.66
C CYS A 584 7.18 18.94 -7.14
N VAL A 585 6.14 19.65 -7.59
CA VAL A 585 5.63 19.54 -8.95
C VAL A 585 5.77 20.89 -9.63
N SER A 586 6.34 20.89 -10.83
CA SER A 586 6.51 22.11 -11.63
C SER A 586 5.41 22.16 -12.68
N TYR A 587 4.63 23.25 -12.66
CA TYR A 587 3.45 23.38 -13.49
C TYR A 587 3.69 24.34 -14.65
N ASN A 588 3.24 23.94 -15.83
CA ASN A 588 3.30 24.77 -17.03
C ASN A 588 1.89 25.29 -17.32
N ILE A 589 1.76 26.62 -17.46
CA ILE A 589 0.46 27.26 -17.50
C ILE A 589 0.00 27.59 -18.91
N THR A 590 0.83 27.37 -19.92
CA THR A 590 0.44 27.71 -21.29
C THR A 590 -0.87 27.02 -21.65
N GLY A 591 -1.84 27.81 -22.11
CA GLY A 591 -3.11 27.29 -22.56
C GLY A 591 -4.18 27.11 -21.50
N TRP A 592 -3.88 27.42 -20.24
CA TRP A 592 -4.88 27.23 -19.19
C TRP A 592 -6.08 28.12 -19.41
N LEU A 593 -5.85 29.41 -19.68
CA LEU A 593 -6.96 30.33 -19.94
C LEU A 593 -7.85 29.81 -21.06
N GLU A 594 -7.23 29.34 -22.15
CA GLU A 594 -7.99 28.76 -23.25
C GLU A 594 -8.76 27.53 -22.77
N LYS A 595 -8.10 26.66 -22.00
CA LYS A 595 -8.77 25.46 -21.51
C LYS A 595 -9.81 25.77 -20.45
N ASN A 596 -9.61 26.85 -19.69
CA ASN A 596 -10.51 27.15 -18.58
C ASN A 596 -11.84 27.72 -19.07
N LYS A 597 -11.83 28.44 -20.18
CA LYS A 597 -13.05 28.98 -20.78
C LYS A 597 -13.21 28.36 -22.17
N ASP A 598 -14.36 27.71 -22.41
CA ASP A 598 -14.63 27.03 -23.67
C ASP A 598 -15.75 27.75 -24.42
N PRO A 599 -15.48 28.90 -25.03
CA PRO A 599 -16.54 29.66 -25.69
C PRO A 599 -16.89 29.10 -27.05
N LEU A 600 -18.19 29.02 -27.31
CA LEU A 600 -18.70 28.48 -28.56
C LEU A 600 -19.41 29.57 -29.35
N ASN A 601 -19.37 29.43 -30.67
CA ASN A 601 -20.14 30.31 -31.55
C ASN A 601 -21.61 30.22 -31.17
N ASP A 602 -22.07 31.16 -30.34
CA ASP A 602 -23.46 31.15 -29.86
C ASP A 602 -24.46 31.09 -31.02
N THR A 603 -24.07 31.59 -32.19
CA THR A 603 -24.99 31.58 -33.34
C THR A 603 -25.14 30.17 -33.91
N VAL A 604 -24.05 29.41 -33.96
CA VAL A 604 -24.13 28.04 -34.43
C VAL A 604 -24.86 27.17 -33.41
N VAL A 605 -24.66 27.44 -32.12
CA VAL A 605 -25.36 26.67 -31.09
C VAL A 605 -26.86 26.88 -31.22
N ASP A 606 -27.29 28.13 -31.41
CA ASP A 606 -28.71 28.41 -31.63
C ASP A 606 -29.25 27.58 -32.80
N GLN A 607 -28.47 27.47 -33.88
CA GLN A 607 -28.89 26.65 -35.00
C GLN A 607 -29.04 25.19 -34.59
N PHE A 608 -28.09 24.69 -33.79
CA PHE A 608 -28.20 23.32 -33.29
C PHE A 608 -29.51 23.14 -32.52
N LYS A 609 -29.80 24.06 -31.60
CA LYS A 609 -31.01 23.94 -30.79
C LYS A 609 -32.27 23.99 -31.65
N LYS A 610 -32.18 24.48 -32.88
CA LYS A 610 -33.30 24.52 -33.81
C LYS A 610 -33.18 23.50 -34.93
N SER A 611 -32.25 22.55 -34.80
CA SER A 611 -31.97 21.62 -35.88
C SER A 611 -33.03 20.51 -35.90
N GLN A 612 -32.81 19.54 -36.79
CA GLN A 612 -33.69 18.37 -36.89
C GLN A 612 -33.13 17.14 -36.17
N ASN A 613 -31.92 17.23 -35.62
CA ASN A 613 -31.34 16.16 -34.83
C ASN A 613 -31.81 16.31 -33.39
N LYS A 614 -32.70 15.40 -32.95
CA LYS A 614 -33.33 15.56 -31.65
C LYS A 614 -32.32 15.45 -30.52
N LEU A 615 -31.33 14.55 -30.66
CA LEU A 615 -30.33 14.40 -29.62
C LEU A 615 -29.43 15.62 -29.55
N LEU A 616 -29.05 16.18 -30.69
CA LEU A 616 -28.21 17.38 -30.70
C LEU A 616 -28.86 18.50 -29.90
N ILE A 617 -30.17 18.68 -30.05
CA ILE A 617 -30.88 19.70 -29.27
C ILE A 617 -30.81 19.38 -27.79
N GLU A 618 -30.80 18.09 -27.44
CA GLU A 618 -30.80 17.69 -26.04
C GLU A 618 -29.46 18.01 -25.37
N ILE A 619 -28.36 17.52 -25.95
CA ILE A 619 -27.05 17.75 -25.34
C ILE A 619 -26.72 19.23 -25.23
N PHE A 620 -27.39 20.07 -26.02
CA PHE A 620 -27.22 21.51 -25.94
C PHE A 620 -28.39 22.20 -25.26
N ALA A 621 -29.37 21.44 -24.75
CA ALA A 621 -30.48 22.05 -24.01
C ALA A 621 -30.01 22.85 -22.81
N ASP A 622 -28.77 22.64 -22.36
CA ASP A 622 -28.19 23.40 -21.27
C ASP A 622 -27.74 24.79 -21.74
N HIS A 623 -27.25 24.89 -22.97
CA HIS A 623 -26.57 26.09 -23.44
C HIS A 623 -27.57 27.04 -24.10
N ALA A 624 -27.54 28.30 -23.67
CA ALA A 624 -28.44 29.30 -24.21
C ALA A 624 -28.05 29.65 -25.65
N GLY A 625 -29.04 30.06 -26.42
CA GLY A 625 -28.82 30.47 -27.79
C GLY A 625 -28.22 31.86 -27.88
N GLN A 626 -29.03 32.83 -28.28
CA GLN A 626 -28.58 34.22 -28.33
C GLN A 626 -28.86 34.90 -26.98
N LYS A 640 -29.00 28.12 -16.65
CA LYS A 640 -27.65 28.39 -17.14
C LYS A 640 -27.64 28.48 -18.67
N GLY A 641 -26.53 28.98 -19.20
CA GLY A 641 -26.38 29.12 -20.64
C GLY A 641 -25.26 30.05 -21.04
N GLY A 642 -25.26 31.26 -20.47
CA GLY A 642 -24.22 32.24 -20.73
C GLY A 642 -23.92 33.09 -19.52
N GLY A 643 -23.16 32.53 -18.59
CA GLY A 643 -22.85 33.21 -17.34
C GLY A 643 -21.38 33.18 -17.02
N PHE A 644 -21.07 33.30 -15.73
CA PHE A 644 -19.70 33.44 -15.24
C PHE A 644 -19.13 32.11 -14.75
N ALA A 645 -19.40 31.02 -15.47
CA ALA A 645 -18.95 29.69 -15.08
C ALA A 645 -17.79 29.25 -15.96
N THR A 646 -16.86 28.49 -15.36
CA THR A 646 -15.66 28.03 -16.04
C THR A 646 -15.41 26.58 -15.68
N VAL A 647 -14.39 25.99 -16.31
CA VAL A 647 -14.04 24.60 -16.01
C VAL A 647 -13.60 24.48 -14.55
N SER A 648 -12.68 25.35 -14.13
CA SER A 648 -12.18 25.29 -12.76
C SER A 648 -13.31 25.51 -11.77
N SER A 649 -14.17 26.50 -12.02
CA SER A 649 -15.28 26.76 -11.12
C SER A 649 -16.23 25.56 -11.06
N ALA A 650 -16.54 24.97 -12.21
CA ALA A 650 -17.44 23.83 -12.24
C ALA A 650 -16.87 22.65 -11.47
N TYR A 651 -15.57 22.40 -11.63
CA TYR A 651 -14.98 21.22 -10.99
C TYR A 651 -14.83 21.39 -9.50
N LYS A 652 -14.59 22.62 -9.03
CA LYS A 652 -14.49 22.84 -7.60
C LYS A 652 -15.79 22.51 -6.89
N GLU A 653 -16.94 22.75 -7.53
CA GLU A 653 -18.20 22.34 -6.95
C GLU A 653 -18.34 20.82 -6.93
N GLN A 654 -17.94 20.17 -8.02
CA GLN A 654 -17.94 18.71 -8.05
C GLN A 654 -17.11 18.14 -6.90
N LEU A 655 -15.88 18.65 -6.75
CA LEU A 655 -15.00 18.12 -5.71
C LEU A 655 -15.59 18.37 -4.33
N ASN A 656 -16.20 19.53 -4.11
CA ASN A 656 -16.86 19.79 -2.84
C ASN A 656 -18.02 18.83 -2.63
N SER A 657 -18.85 18.66 -3.66
CA SER A 657 -19.93 17.68 -3.57
C SER A 657 -19.40 16.28 -3.29
N LEU A 658 -18.29 15.91 -3.93
CA LEU A 658 -17.74 14.58 -3.74
C LEU A 658 -17.18 14.42 -2.33
N MET A 659 -16.36 15.36 -1.88
CA MET A 659 -15.76 15.25 -0.55
C MET A 659 -16.83 15.24 0.54
N THR A 660 -17.90 16.01 0.34
CA THR A 660 -19.01 15.98 1.28
C THR A 660 -19.62 14.59 1.35
N THR A 661 -19.83 13.95 0.20
CA THR A 661 -20.40 12.61 0.17
C THR A 661 -19.47 11.61 0.84
N LEU A 662 -18.17 11.69 0.54
CA LEU A 662 -17.23 10.72 1.09
C LEU A 662 -17.16 10.80 2.60
N ARG A 663 -17.10 12.01 3.15
CA ARG A 663 -16.98 12.17 4.60
C ARG A 663 -18.25 11.77 5.34
N SER A 664 -19.35 11.55 4.63
CA SER A 664 -20.57 11.02 5.23
C SER A 664 -20.58 9.49 5.28
N THR A 665 -19.56 8.84 4.74
CA THR A 665 -19.52 7.39 4.61
C THR A 665 -18.38 6.81 5.43
N GLN A 666 -18.41 5.48 5.56
CA GLN A 666 -17.31 4.70 6.08
C GLN A 666 -16.41 4.31 4.91
N PRO A 667 -15.21 4.89 4.77
CA PRO A 667 -14.42 4.63 3.57
C PRO A 667 -13.54 3.40 3.68
N HIS A 668 -13.09 2.94 2.51
CA HIS A 668 -12.14 1.83 2.39
C HIS A 668 -11.17 2.17 1.27
N PHE A 669 -9.88 2.08 1.55
CA PHE A 669 -8.84 2.57 0.65
C PHE A 669 -8.12 1.40 0.00
N VAL A 670 -8.11 1.37 -1.33
CA VAL A 670 -7.41 0.37 -2.11
C VAL A 670 -6.37 1.11 -2.95
N ARG A 671 -5.09 0.86 -2.68
CA ARG A 671 -3.99 1.57 -3.33
C ARG A 671 -3.44 0.70 -4.45
N CYS A 672 -3.75 1.09 -5.70
CA CYS A 672 -3.25 0.38 -6.87
C CYS A 672 -1.85 0.86 -7.22
N ILE A 673 -1.05 -0.06 -7.74
CA ILE A 673 0.36 0.20 -8.01
C ILE A 673 0.75 -0.48 -9.31
N ILE A 674 1.45 0.25 -10.18
CA ILE A 674 1.96 -0.28 -11.43
C ILE A 674 3.36 -0.85 -11.18
N PRO A 675 3.65 -2.08 -11.60
CA PRO A 675 4.94 -2.69 -11.24
C PRO A 675 6.11 -2.26 -12.11
N ASN A 676 5.83 -1.91 -13.37
CA ASN A 676 6.90 -1.54 -14.29
C ASN A 676 6.29 -0.76 -15.45
N GLU A 677 7.16 -0.20 -16.28
CA GLU A 677 6.75 0.62 -17.41
C GLU A 677 6.50 -0.18 -18.69
N MET A 678 6.65 -1.51 -18.65
CA MET A 678 6.67 -2.32 -19.86
C MET A 678 5.48 -3.27 -19.96
N LYS A 679 4.48 -3.13 -19.09
CA LYS A 679 3.31 -4.00 -19.11
C LYS A 679 3.70 -5.47 -18.95
N GLN A 680 4.81 -5.72 -18.28
CA GLN A 680 5.33 -7.08 -18.15
C GLN A 680 4.83 -7.70 -16.86
N PRO A 681 4.15 -8.85 -16.92
CA PRO A 681 3.76 -9.53 -15.67
C PRO A 681 4.97 -10.06 -14.93
N GLY A 682 4.97 -9.88 -13.62
CA GLY A 682 5.99 -10.43 -12.76
C GLY A 682 7.26 -9.61 -12.61
N VAL A 683 7.38 -8.50 -13.33
CA VAL A 683 8.59 -7.68 -13.30
C VAL A 683 8.34 -6.47 -12.41
N VAL A 684 9.24 -6.24 -11.45
CA VAL A 684 9.11 -5.16 -10.48
C VAL A 684 10.21 -4.15 -10.74
N ASP A 685 9.83 -2.91 -11.01
CA ASP A 685 10.76 -1.78 -11.08
C ASP A 685 10.78 -1.14 -9.70
N ALA A 686 11.78 -1.50 -8.89
CA ALA A 686 11.80 -1.09 -7.49
C ALA A 686 11.66 0.42 -7.35
N HIS A 687 12.46 1.18 -8.09
CA HIS A 687 12.37 2.64 -7.99
C HIS A 687 10.96 3.13 -8.31
N LEU A 688 10.35 2.57 -9.35
CA LEU A 688 9.00 2.98 -9.71
C LEU A 688 8.00 2.66 -8.61
N VAL A 689 8.12 1.47 -8.01
CA VAL A 689 7.19 1.08 -6.95
C VAL A 689 7.37 1.97 -5.74
N MET A 690 8.61 2.19 -5.31
CA MET A 690 8.86 3.00 -4.12
C MET A 690 8.26 4.39 -4.28
N HIS A 691 8.45 5.02 -5.45
CA HIS A 691 7.84 6.31 -5.70
C HIS A 691 6.35 6.28 -5.45
N GLN A 692 5.67 5.22 -5.90
CA GLN A 692 4.22 5.14 -5.72
C GLN A 692 3.86 4.95 -4.24
N LEU A 693 4.63 4.13 -3.53
CA LEU A 693 4.37 3.95 -2.10
C LEU A 693 4.42 5.29 -1.36
N THR A 694 5.26 6.21 -1.82
CA THR A 694 5.33 7.55 -1.23
C THR A 694 4.17 8.41 -1.70
N CYS A 695 3.79 8.31 -2.98
CA CYS A 695 2.77 9.19 -3.53
C CYS A 695 1.36 8.70 -3.21
N ASN A 696 1.16 7.38 -3.20
CA ASN A 696 -0.17 6.81 -2.96
C ASN A 696 -0.51 6.70 -1.48
N GLY A 697 0.29 7.29 -0.60
CA GLY A 697 -0.05 7.35 0.81
C GLY A 697 0.11 6.06 1.58
N VAL A 698 0.79 5.06 1.01
CA VAL A 698 0.98 3.80 1.74
C VAL A 698 1.96 4.00 2.89
N LEU A 699 3.09 4.64 2.62
CA LEU A 699 4.07 4.88 3.67
C LEU A 699 3.53 5.85 4.71
N GLU A 700 2.78 6.87 4.27
CA GLU A 700 2.17 7.81 5.20
C GLU A 700 1.22 7.10 6.16
N GLY A 701 0.34 6.26 5.63
CA GLY A 701 -0.57 5.52 6.50
C GLY A 701 0.15 4.69 7.53
N ILE A 702 1.29 4.12 7.14
CA ILE A 702 2.07 3.30 8.07
C ILE A 702 2.63 4.18 9.19
N ARG A 703 3.23 5.32 8.84
CA ARG A 703 3.70 6.25 9.86
C ARG A 703 2.60 6.55 10.87
N ILE A 704 1.37 6.71 10.40
CA ILE A 704 0.26 7.04 11.29
C ILE A 704 -0.04 5.87 12.22
N CYS A 705 -0.25 4.68 11.65
CA CYS A 705 -0.66 3.54 12.46
C CYS A 705 0.44 3.12 13.44
N ARG A 706 1.71 3.36 13.10
CA ARG A 706 2.83 2.97 13.95
C ARG A 706 3.34 4.14 14.78
N LYS A 707 2.67 5.29 14.75
CA LYS A 707 3.13 6.45 15.49
C LYS A 707 3.21 6.15 16.98
N GLY A 708 4.39 6.37 17.56
CA GLY A 708 4.62 6.13 18.96
C GLY A 708 5.07 4.73 19.31
N PHE A 709 4.82 3.75 18.44
CA PHE A 709 5.17 2.36 18.72
C PHE A 709 5.58 1.70 17.41
N PRO A 710 6.83 1.89 16.99
CA PRO A 710 7.23 1.41 15.65
C PRO A 710 7.10 -0.09 15.49
N ASN A 711 7.22 -0.85 16.56
CA ASN A 711 7.24 -2.30 16.50
C ASN A 711 6.14 -2.88 17.37
N ARG A 712 5.52 -3.94 16.87
CA ARG A 712 4.54 -4.72 17.62
C ARG A 712 4.87 -6.19 17.44
N MET A 713 4.26 -7.03 18.27
CA MET A 713 4.63 -8.44 18.30
C MET A 713 3.55 -9.23 19.02
N MET A 714 3.09 -10.31 18.37
CA MET A 714 2.12 -11.19 19.00
C MET A 714 2.80 -12.03 20.08
N TYR A 715 2.01 -12.41 21.08
CA TYR A 715 2.60 -13.03 22.27
C TYR A 715 3.30 -14.35 21.97
N PRO A 716 2.77 -15.25 21.15
CA PRO A 716 3.52 -16.48 20.84
C PRO A 716 4.93 -16.20 20.33
N ASP A 717 5.09 -15.16 19.52
CA ASP A 717 6.42 -14.81 19.04
C ASP A 717 7.26 -14.19 20.16
N PHE A 718 6.63 -13.39 21.02
CA PHE A 718 7.36 -12.83 22.16
C PHE A 718 7.94 -13.94 23.03
N LYS A 719 7.15 -14.97 23.32
CA LYS A 719 7.63 -16.06 24.16
C LYS A 719 8.77 -16.81 23.47
N MET A 720 8.58 -17.20 22.20
CA MET A 720 9.61 -17.92 21.48
C MET A 720 10.95 -17.18 21.52
N ARG A 721 10.91 -15.86 21.53
CA ARG A 721 12.12 -15.04 21.40
C ARG A 721 12.68 -14.56 22.73
N TYR A 722 11.82 -14.22 23.69
CA TYR A 722 12.28 -13.51 24.89
C TYR A 722 11.89 -14.19 26.19
N MET A 723 11.35 -15.42 26.15
CA MET A 723 11.15 -16.15 27.39
C MET A 723 12.47 -16.50 28.06
N ILE A 724 13.55 -16.59 27.27
CA ILE A 724 14.86 -16.91 27.81
C ILE A 724 15.35 -15.84 28.78
N LEU A 725 14.77 -14.64 28.72
CA LEU A 725 15.19 -13.57 29.62
C LEU A 725 14.66 -13.80 31.04
N ALA A 726 13.45 -14.35 31.16
CA ALA A 726 12.83 -14.61 32.47
C ALA A 726 11.98 -15.87 32.36
N PRO A 727 12.62 -17.03 32.23
CA PRO A 727 11.86 -18.27 32.01
C PRO A 727 10.95 -18.63 33.16
N ALA A 728 11.51 -18.78 34.36
CA ALA A 728 10.71 -19.16 35.52
C ALA A 728 9.57 -18.17 35.76
N ILE A 729 9.87 -16.88 35.69
CA ILE A 729 8.85 -15.85 35.88
C ILE A 729 7.70 -16.08 34.90
N MET A 730 8.02 -16.14 33.61
CA MET A 730 6.97 -16.29 32.60
C MET A 730 6.27 -17.63 32.73
N ALA A 731 7.02 -18.69 33.06
CA ALA A 731 6.42 -20.01 33.21
C ALA A 731 5.25 -19.99 34.19
N ALA A 732 5.34 -19.15 35.21
CA ALA A 732 4.28 -19.11 36.23
C ALA A 732 3.00 -18.49 35.68
N GLU A 733 3.12 -17.39 34.95
CA GLU A 733 1.94 -16.68 34.47
C GLU A 733 1.10 -17.58 33.57
N LYS A 734 -0.22 -17.51 33.76
CA LYS A 734 -1.14 -18.38 33.05
C LYS A 734 -1.56 -17.82 31.70
N VAL A 735 -1.76 -16.50 31.61
CA VAL A 735 -2.14 -15.85 30.36
C VAL A 735 -0.91 -15.22 29.75
N ALA A 736 -0.90 -15.15 28.41
CA ALA A 736 0.25 -14.62 27.70
C ALA A 736 0.51 -13.16 28.09
N LYS A 737 -0.54 -12.35 28.19
CA LYS A 737 -0.39 -10.94 28.55
C LYS A 737 0.50 -10.79 29.78
N ASN A 738 0.09 -11.41 30.89
CA ASN A 738 0.85 -11.28 32.13
C ASN A 738 2.28 -11.78 31.96
N ALA A 739 2.46 -12.85 31.19
CA ALA A 739 3.80 -13.38 30.96
C ALA A 739 4.68 -12.33 30.29
N ALA A 740 4.18 -11.72 29.21
CA ALA A 740 4.96 -10.70 28.52
C ALA A 740 5.23 -9.52 29.44
N GLY A 741 4.22 -9.07 30.18
CA GLY A 741 4.37 -7.94 31.08
C GLY A 741 5.41 -8.18 32.15
N LYS A 742 5.26 -9.26 32.92
CA LYS A 742 6.22 -9.55 33.98
C LYS A 742 7.62 -9.73 33.41
N CYS A 743 7.74 -10.27 32.20
CA CYS A 743 9.05 -10.38 31.56
C CYS A 743 9.65 -9.01 31.31
N LEU A 744 8.84 -8.05 30.84
CA LEU A 744 9.34 -6.71 30.60
C LEU A 744 9.61 -5.98 31.90
N GLU A 745 8.83 -6.26 32.95
CA GLU A 745 9.15 -5.71 34.26
C GLU A 745 10.44 -6.28 34.81
N ALA A 746 10.67 -7.58 34.60
CA ALA A 746 11.88 -8.22 35.12
C ALA A 746 13.13 -7.51 34.64
N VAL A 747 13.26 -7.33 33.33
CA VAL A 747 14.36 -6.53 32.78
C VAL A 747 14.12 -5.08 33.18
N GLY A 748 15.10 -4.22 32.94
CA GLY A 748 14.97 -2.83 33.35
C GLY A 748 14.26 -1.97 32.34
N LEU A 749 12.97 -2.19 32.15
CA LEU A 749 12.18 -1.46 31.17
C LEU A 749 11.15 -0.60 31.88
N ASP A 750 11.16 0.70 31.57
CA ASP A 750 10.14 1.60 32.07
C ASP A 750 8.77 1.17 31.53
N PRO A 751 7.73 1.14 32.38
CA PRO A 751 6.42 0.64 31.91
C PRO A 751 5.82 1.45 30.78
N ASP A 752 6.33 2.64 30.48
CA ASP A 752 5.81 3.45 29.39
C ASP A 752 6.43 3.10 28.05
N MET A 753 7.46 2.25 28.03
CA MET A 753 8.11 1.87 26.79
C MET A 753 7.36 0.80 26.01
N TYR A 754 6.17 0.39 26.48
CA TYR A 754 5.42 -0.65 25.81
C TYR A 754 3.98 -0.60 26.28
N ARG A 755 3.12 -1.31 25.55
CA ARG A 755 1.70 -1.42 25.91
C ARG A 755 1.29 -2.88 25.75
N ILE A 756 0.64 -3.42 26.77
CA ILE A 756 0.21 -4.83 26.77
C ILE A 756 -1.23 -4.86 26.26
N GLY A 757 -1.38 -5.22 24.98
CA GLY A 757 -2.69 -5.39 24.40
C GLY A 757 -3.30 -6.74 24.73
N HIS A 758 -4.50 -6.95 24.21
CA HIS A 758 -5.17 -8.23 24.42
C HIS A 758 -4.44 -9.35 23.70
N THR A 759 -3.92 -9.07 22.49
CA THR A 759 -3.26 -10.09 21.69
C THR A 759 -1.93 -9.62 21.11
N LYS A 760 -1.43 -8.45 21.50
CA LYS A 760 -0.19 -7.94 20.95
C LYS A 760 0.52 -7.08 21.97
N VAL A 761 1.86 -7.08 21.89
CA VAL A 761 2.70 -6.14 22.63
C VAL A 761 3.17 -5.08 21.66
N PHE A 762 3.13 -3.82 22.10
CA PHE A 762 3.59 -2.69 21.31
C PHE A 762 4.82 -2.10 21.98
N PHE A 763 5.82 -1.76 21.16
CA PHE A 763 7.10 -1.28 21.65
C PHE A 763 7.43 0.08 21.06
N ARG A 764 7.94 0.97 21.90
CA ARG A 764 8.48 2.23 21.40
C ARG A 764 9.82 1.98 20.72
N ALA A 765 10.31 3.01 20.03
CA ALA A 765 11.55 2.88 19.28
C ALA A 765 12.70 2.45 20.19
N GLY A 766 13.53 1.55 19.68
CA GLY A 766 14.72 1.12 20.38
C GLY A 766 14.51 0.14 21.51
N VAL A 767 13.27 -0.20 21.84
CA VAL A 767 13.04 -1.15 22.93
C VAL A 767 13.46 -2.56 22.52
N LEU A 768 13.06 -2.99 21.32
CA LEU A 768 13.49 -4.30 20.84
C LEU A 768 15.00 -4.39 20.76
N GLY A 769 15.66 -3.30 20.37
CA GLY A 769 17.11 -3.26 20.41
C GLY A 769 17.64 -3.60 21.79
N GLN A 770 17.08 -2.97 22.82
CA GLN A 770 17.50 -3.28 24.19
C GLN A 770 17.14 -4.72 24.55
N MET A 771 15.96 -5.17 24.13
CA MET A 771 15.57 -6.55 24.40
C MET A 771 16.52 -7.53 23.73
N GLU A 772 17.02 -7.19 22.54
CA GLU A 772 17.95 -8.07 21.85
C GLU A 772 19.33 -8.02 22.50
N GLU A 773 19.72 -6.89 23.10
CA GLU A 773 20.98 -6.84 23.84
C GLU A 773 20.90 -7.70 25.09
N PHE A 774 19.83 -7.55 25.87
CA PHE A 774 19.62 -8.41 27.03
C PHE A 774 19.69 -9.88 26.63
N ARG A 775 19.01 -10.23 25.54
CA ARG A 775 19.00 -11.63 25.10
C ARG A 775 20.39 -12.09 24.70
N ASP A 776 21.13 -11.26 23.98
CA ASP A 776 22.48 -11.64 23.55
C ASP A 776 23.36 -11.95 24.75
N GLU A 777 23.44 -11.01 25.70
CA GLU A 777 24.29 -11.22 26.88
C GLU A 777 23.83 -12.46 27.66
N ARG A 778 22.53 -12.54 27.96
CA ARG A 778 22.01 -13.69 28.67
C ARG A 778 22.36 -15.00 27.94
N LEU A 779 22.14 -15.02 26.63
CA LEU A 779 22.44 -16.21 25.85
C LEU A 779 23.93 -16.54 25.83
N GLY A 780 24.78 -15.54 26.06
CA GLY A 780 26.21 -15.78 26.13
C GLY A 780 26.69 -16.36 27.44
N LYS A 781 25.81 -16.47 28.43
CA LYS A 781 26.15 -17.00 29.74
C LYS A 781 25.60 -18.40 29.99
N ILE A 782 24.39 -18.69 29.49
CA ILE A 782 23.72 -19.93 29.88
C ILE A 782 24.60 -21.14 29.60
N MET A 783 25.37 -21.09 28.51
CA MET A 783 26.23 -22.22 28.18
C MET A 783 27.23 -22.50 29.29
N SER A 784 27.77 -21.44 29.90
CA SER A 784 28.66 -21.63 31.04
C SER A 784 27.88 -22.11 32.26
N TRP A 785 26.72 -21.52 32.51
CA TRP A 785 25.87 -21.98 33.59
C TRP A 785 25.56 -23.47 33.45
N MET A 786 25.13 -23.88 32.25
CA MET A 786 24.85 -25.28 32.00
C MET A 786 26.07 -26.15 32.28
N GLN A 787 27.26 -25.69 31.85
CA GLN A 787 28.47 -26.46 32.10
C GLN A 787 28.82 -26.45 33.59
N ALA A 788 28.68 -25.30 34.24
CA ALA A 788 28.89 -25.23 35.68
C ALA A 788 27.97 -26.20 36.41
N TRP A 789 26.73 -26.33 35.95
CA TRP A 789 25.79 -27.25 36.58
C TRP A 789 26.17 -28.70 36.29
N ALA A 790 26.65 -28.98 35.08
CA ALA A 790 27.11 -30.32 34.76
C ALA A 790 28.28 -30.72 35.65
N ARG A 791 29.18 -29.77 35.94
CA ARG A 791 30.28 -30.04 36.85
C ARG A 791 29.76 -30.22 38.29
N GLY A 792 28.73 -29.48 38.65
CA GLY A 792 28.12 -29.68 39.97
C GLY A 792 27.56 -31.07 40.12
N TYR A 793 26.84 -31.54 39.11
CA TYR A 793 26.30 -32.90 39.16
C TYR A 793 27.44 -33.92 39.26
N LEU A 794 28.46 -33.77 38.40
CA LEU A 794 29.59 -34.70 38.44
C LEU A 794 30.34 -34.59 39.77
N SER A 795 30.47 -33.37 40.30
CA SER A 795 31.13 -33.19 41.59
C SER A 795 30.33 -33.87 42.70
N ARG A 796 29.06 -33.49 42.84
CA ARG A 796 28.21 -34.10 43.87
C ARG A 796 28.17 -35.61 43.73
N LYS A 797 28.38 -36.13 42.51
CA LYS A 797 28.44 -37.57 42.32
C LYS A 797 29.63 -38.17 43.04
N GLY A 798 30.81 -37.56 42.88
CA GLY A 798 32.01 -38.05 43.54
C GLY A 798 32.08 -37.74 45.01
N PHE A 799 31.37 -36.71 45.46
CA PHE A 799 31.36 -36.39 46.89
C PHE A 799 30.62 -37.45 47.69
N LYS A 800 29.68 -38.18 47.07
CA LYS A 800 29.01 -39.27 47.76
C LYS A 800 29.98 -40.41 48.04
N LYS A 801 30.79 -40.78 47.05
CA LYS A 801 31.78 -41.84 47.25
C LYS A 801 32.84 -41.41 48.25
N LEU A 802 33.41 -40.22 48.07
CA LEU A 802 34.40 -39.72 49.01
C LEU A 802 33.80 -39.59 50.41
N GLN A 803 32.51 -39.29 50.52
CA GLN A 803 31.88 -39.15 51.82
C GLN A 803 31.81 -40.50 52.54
N GLU A 804 31.20 -41.50 51.92
CA GLU A 804 31.08 -42.81 52.56
C GLU A 804 32.44 -43.40 52.87
N GLN A 805 33.45 -43.11 52.04
CA GLN A 805 34.81 -43.60 52.29
C GLN A 805 35.47 -42.88 53.45
N ARG A 806 34.80 -41.91 54.07
CA ARG A 806 35.33 -41.19 55.22
C ARG A 806 34.65 -41.65 56.51
N VAL A 807 34.40 -42.95 56.64
CA VAL A 807 33.88 -43.55 57.87
C VAL A 807 34.78 -44.74 58.22
N ALA A 808 35.34 -44.72 59.43
CA ALA A 808 36.25 -45.78 59.86
C ALA A 808 37.39 -45.97 58.87
N MET B 1 27.96 -17.35 64.43
CA MET B 1 26.95 -18.12 65.21
C MET B 1 25.53 -17.71 64.81
N ALA B 2 25.33 -16.40 64.66
CA ALA B 2 24.01 -15.86 64.33
C ALA B 2 24.06 -14.93 63.13
N ASP B 3 25.10 -15.02 62.30
CA ASP B 3 25.18 -14.22 61.09
C ASP B 3 24.66 -15.01 59.89
N VAL B 4 25.42 -16.03 59.48
CA VAL B 4 24.98 -16.95 58.44
C VAL B 4 24.26 -18.09 59.14
N PRO B 5 23.14 -18.58 58.60
CA PRO B 5 22.34 -19.58 59.33
C PRO B 5 23.19 -20.68 59.94
N LYS B 6 22.77 -21.15 61.12
CA LYS B 6 23.56 -22.13 61.86
C LYS B 6 23.69 -23.43 61.09
N ARG B 7 22.55 -24.00 60.64
CA ARG B 7 22.59 -25.27 59.94
C ARG B 7 23.46 -25.21 58.69
N GLU B 8 23.52 -24.05 58.02
CA GLU B 8 24.34 -23.94 56.83
C GLU B 8 25.83 -24.01 57.18
N VAL B 9 26.22 -23.40 58.30
CA VAL B 9 27.60 -23.54 58.77
C VAL B 9 27.91 -25.01 59.04
N GLU B 10 26.99 -25.70 59.71
CA GLU B 10 27.18 -27.13 59.96
C GLU B 10 27.37 -27.90 58.65
N ASN B 11 26.64 -27.49 57.60
CA ASN B 11 26.81 -28.12 56.30
C ASN B 11 28.23 -27.88 55.76
N VAL B 12 28.77 -26.68 56.00
CA VAL B 12 30.15 -26.41 55.59
C VAL B 12 31.11 -27.23 56.42
N GLU B 13 30.85 -27.37 57.72
CA GLU B 13 31.69 -28.21 58.58
C GLU B 13 31.81 -29.62 58.00
N PHE B 14 30.68 -30.22 57.61
CA PHE B 14 30.71 -31.59 57.13
C PHE B 14 31.55 -31.73 55.88
N VAL B 15 31.48 -30.75 54.97
CA VAL B 15 32.23 -30.86 53.72
C VAL B 15 33.73 -30.74 53.99
N PHE B 16 34.13 -29.82 54.87
CA PHE B 16 35.55 -29.67 55.17
C PHE B 16 36.11 -30.91 55.83
N GLU B 17 35.34 -31.56 56.71
CA GLU B 17 35.77 -32.80 57.32
C GLU B 17 36.01 -33.89 56.27
N VAL B 18 35.38 -33.79 55.11
CA VAL B 18 35.52 -34.81 54.08
C VAL B 18 36.64 -34.46 53.10
N MET B 19 36.75 -33.19 52.70
CA MET B 19 37.67 -32.80 51.65
C MET B 19 38.94 -32.14 52.16
N GLY B 20 38.92 -31.58 53.38
CA GLY B 20 40.05 -30.85 53.90
C GLY B 20 40.51 -31.41 55.24
N SER B 21 41.65 -30.90 55.71
CA SER B 21 42.22 -31.28 56.99
C SER B 21 42.02 -30.17 58.01
N PRO B 22 41.95 -30.52 59.30
CA PRO B 22 41.71 -29.47 60.32
C PRO B 22 42.73 -28.35 60.28
N GLY B 23 44.02 -28.68 60.35
CA GLY B 23 45.05 -27.66 60.38
C GLY B 23 45.02 -26.73 59.18
N GLU B 24 45.12 -27.31 57.98
CA GLU B 24 45.14 -26.52 56.76
C GLU B 24 43.73 -26.16 56.33
N GLY B 25 43.07 -27.08 55.63
CA GLY B 25 41.74 -26.85 55.11
C GLY B 25 41.58 -27.61 53.80
N ILE B 26 40.84 -26.99 52.87
CA ILE B 26 40.68 -27.54 51.53
C ILE B 26 41.66 -26.85 50.61
N ASP B 27 42.34 -27.63 49.77
CA ASP B 27 43.22 -27.04 48.77
C ASP B 27 42.40 -26.20 47.80
N ALA B 28 42.99 -25.10 47.34
CA ALA B 28 42.25 -24.15 46.53
C ALA B 28 41.80 -24.78 45.21
N VAL B 29 42.50 -25.79 44.72
CA VAL B 29 42.06 -26.51 43.53
C VAL B 29 40.74 -27.21 43.79
N ASP B 30 40.38 -27.40 45.06
CA ASP B 30 39.13 -28.05 45.44
C ASP B 30 38.04 -27.05 45.82
N LEU B 31 38.29 -25.75 45.63
CA LEU B 31 37.31 -24.75 46.03
C LEU B 31 36.00 -24.92 45.29
N GLY B 32 36.08 -25.27 44.00
CA GLY B 32 34.85 -25.49 43.24
C GLY B 32 34.11 -26.74 43.69
N ASP B 33 34.85 -27.82 43.91
CA ASP B 33 34.21 -29.06 44.36
C ASP B 33 33.57 -28.90 45.72
N ALA B 34 34.17 -28.08 46.59
CA ALA B 34 33.58 -27.85 47.91
C ALA B 34 32.24 -27.14 47.80
N LEU B 35 32.19 -26.05 47.02
CA LEU B 35 30.95 -25.33 46.84
C LEU B 35 29.90 -26.21 46.16
N ARG B 36 30.33 -27.05 45.22
CA ARG B 36 29.40 -27.96 44.56
C ARG B 36 28.83 -28.98 45.55
N ALA B 37 29.66 -29.44 46.49
CA ALA B 37 29.17 -30.34 47.54
C ALA B 37 28.13 -29.67 48.40
N LEU B 38 28.02 -28.34 48.34
CA LEU B 38 27.02 -27.60 49.10
C LEU B 38 25.81 -27.21 48.25
N ASN B 39 25.61 -27.90 47.13
CA ASN B 39 24.44 -27.69 46.25
C ASN B 39 24.55 -26.36 45.50
N LEU B 40 25.77 -25.98 45.12
CA LEU B 40 26.01 -24.81 44.30
C LEU B 40 26.58 -25.24 42.96
N ASN B 41 26.50 -24.35 41.97
CA ASN B 41 26.98 -24.62 40.62
C ASN B 41 27.66 -23.39 40.05
N PRO B 42 28.80 -23.00 40.62
CA PRO B 42 29.50 -21.82 40.11
C PRO B 42 30.30 -22.14 38.85
N THR B 43 30.49 -21.12 38.04
CA THR B 43 31.27 -21.26 36.82
C THR B 43 32.75 -21.22 37.14
N LEU B 44 33.54 -21.87 36.28
CA LEU B 44 34.99 -21.89 36.47
C LEU B 44 35.54 -20.46 36.59
N ALA B 45 35.03 -19.53 35.78
CA ALA B 45 35.51 -18.16 35.83
C ALA B 45 35.26 -17.54 37.20
N LEU B 46 34.09 -17.83 37.80
CA LEU B 46 33.80 -17.28 39.12
C LEU B 46 34.68 -17.90 40.19
N ILE B 47 35.08 -19.16 40.00
CA ILE B 47 35.97 -19.80 40.98
C ILE B 47 37.36 -19.15 40.92
N GLU B 48 37.85 -18.87 39.71
CA GLU B 48 39.11 -18.14 39.60
C GLU B 48 39.03 -16.80 40.32
N LYS B 49 37.90 -16.11 40.18
CA LYS B 49 37.74 -14.79 40.79
C LYS B 49 37.63 -14.85 42.30
N LEU B 50 37.55 -16.04 42.89
CA LEU B 50 37.36 -16.19 44.33
C LEU B 50 38.35 -17.18 44.92
N GLY B 51 39.59 -17.17 44.42
CA GLY B 51 40.65 -17.94 45.02
C GLY B 51 40.91 -19.30 44.43
N GLY B 52 40.23 -19.66 43.34
CA GLY B 52 40.52 -20.92 42.69
C GLY B 52 41.95 -20.95 42.16
N THR B 53 42.52 -22.15 42.14
CA THR B 53 43.89 -22.33 41.71
C THR B 53 44.03 -23.67 41.00
N LYS B 54 44.90 -23.71 40.00
CA LYS B 54 45.22 -24.94 39.30
C LYS B 54 46.29 -25.72 40.07
N LYS B 55 46.34 -27.02 39.82
CA LYS B 55 47.33 -27.89 40.45
C LYS B 55 47.14 -27.91 41.96
N ARG B 56 47.86 -28.81 42.63
CA ARG B 56 47.70 -29.04 44.06
C ARG B 56 48.75 -28.28 44.86
N ASN B 57 48.41 -28.04 46.13
CA ASN B 57 49.35 -27.51 47.12
C ASN B 57 49.84 -26.11 46.76
N GLU B 58 49.19 -25.44 45.82
CA GLU B 58 49.54 -24.06 45.53
C GLU B 58 48.88 -23.10 46.52
N LYS B 59 47.67 -23.42 47.00
CA LYS B 59 47.05 -22.57 48.01
C LYS B 59 46.04 -23.38 48.82
N LYS B 60 45.95 -23.02 50.09
CA LYS B 60 45.04 -23.63 51.04
C LYS B 60 44.02 -22.60 51.50
N ILE B 61 42.78 -23.03 51.67
CA ILE B 61 41.70 -22.18 52.14
C ILE B 61 41.11 -22.83 53.38
N LYS B 62 41.20 -22.14 54.52
CA LYS B 62 40.68 -22.67 55.76
C LYS B 62 39.20 -22.35 55.88
N LEU B 63 38.58 -22.82 56.96
CA LEU B 63 37.15 -22.69 57.18
C LEU B 63 36.74 -21.22 57.07
N ASP B 64 36.95 -20.43 58.13
CA ASP B 64 36.45 -19.06 58.16
C ASP B 64 36.82 -18.27 56.91
N GLU B 65 37.85 -18.70 56.17
CA GLU B 65 38.19 -18.06 54.90
C GLU B 65 37.29 -18.53 53.77
N PHE B 66 36.68 -19.71 53.90
CA PHE B 66 35.79 -20.25 52.87
C PHE B 66 34.35 -19.77 53.02
N LEU B 67 33.93 -19.43 54.24
CA LEU B 67 32.54 -19.06 54.47
C LEU B 67 32.14 -17.82 53.68
N PRO B 68 32.90 -16.72 53.68
CA PRO B 68 32.51 -15.58 52.85
C PRO B 68 32.38 -15.97 51.38
N ILE B 69 33.24 -16.84 50.89
CA ILE B 69 33.13 -17.30 49.51
C ILE B 69 31.83 -18.06 49.31
N TYR B 70 31.46 -18.90 50.29
CA TYR B 70 30.20 -19.62 50.20
C TYR B 70 29.02 -18.65 50.14
N SER B 71 28.96 -17.71 51.09
CA SER B 71 27.86 -16.75 51.10
C SER B 71 27.85 -15.91 49.84
N GLN B 72 29.04 -15.56 49.32
CA GLN B 72 29.12 -14.84 48.05
C GLN B 72 28.40 -15.62 46.96
N VAL B 73 28.85 -16.84 46.70
CA VAL B 73 28.27 -17.66 45.64
C VAL B 73 26.79 -17.89 45.88
N LYS B 74 26.36 -17.92 47.14
CA LYS B 74 24.95 -18.12 47.46
C LYS B 74 24.13 -16.84 47.31
N LYS B 75 24.78 -15.68 47.21
CA LYS B 75 24.04 -14.43 47.04
C LYS B 75 23.64 -14.21 45.58
N GLU B 76 24.61 -14.25 44.67
CA GLU B 76 24.32 -14.06 43.25
C GLU B 76 23.19 -14.99 42.81
N LYS B 77 22.11 -14.41 42.31
CA LYS B 77 20.90 -15.18 42.05
C LYS B 77 20.96 -15.90 40.70
N GLU B 78 21.32 -15.18 39.63
CA GLU B 78 21.26 -15.75 38.28
C GLU B 78 22.59 -16.43 37.98
N GLN B 79 22.68 -17.71 38.33
CA GLN B 79 23.79 -18.57 37.94
C GLN B 79 23.32 -19.76 37.12
N GLY B 80 22.10 -19.74 36.63
CA GLY B 80 21.53 -20.83 35.87
C GLY B 80 20.46 -21.58 36.66
N CYS B 81 19.64 -22.31 35.92
CA CYS B 81 18.61 -23.15 36.51
C CYS B 81 18.01 -24.01 35.40
N TYR B 82 17.17 -24.97 35.81
CA TYR B 82 16.53 -25.86 34.85
C TYR B 82 15.75 -25.07 33.81
N GLU B 83 14.99 -24.08 34.26
CA GLU B 83 14.17 -23.29 33.33
C GLU B 83 15.06 -22.51 32.36
N ASP B 84 16.21 -22.02 32.83
CA ASP B 84 17.12 -21.29 31.95
C ASP B 84 17.66 -22.20 30.85
N PHE B 85 17.98 -23.45 31.19
CA PHE B 85 18.58 -24.35 30.21
C PHE B 85 17.56 -24.89 29.23
N ILE B 86 16.28 -24.97 29.63
CA ILE B 86 15.24 -25.35 28.69
C ILE B 86 15.17 -24.36 27.54
N GLU B 87 15.32 -23.06 27.84
CA GLU B 87 15.23 -22.05 26.80
C GLU B 87 16.46 -22.06 25.89
N CYS B 88 17.63 -22.42 26.44
CA CYS B 88 18.82 -22.49 25.59
C CYS B 88 18.72 -23.63 24.60
N LEU B 89 18.26 -24.80 25.05
CA LEU B 89 18.16 -25.96 24.17
C LEU B 89 16.94 -25.89 23.26
N LYS B 90 15.93 -25.08 23.60
CA LYS B 90 14.84 -24.85 22.67
C LYS B 90 15.35 -24.26 21.35
N LEU B 91 16.46 -23.51 21.42
CA LEU B 91 17.07 -22.95 20.22
C LEU B 91 17.64 -24.01 19.29
N TYR B 92 17.70 -25.26 19.72
CA TYR B 92 18.04 -26.37 18.85
C TYR B 92 16.85 -27.25 18.51
N ASP B 93 15.71 -27.05 19.18
CA ASP B 93 14.51 -27.86 18.95
C ASP B 93 13.83 -27.36 17.67
N LYS B 94 14.33 -27.82 16.53
CA LYS B 94 13.82 -27.37 15.25
C LYS B 94 12.36 -27.78 15.07
N GLU B 95 11.99 -28.96 15.54
CA GLU B 95 10.66 -29.51 15.31
C GLU B 95 9.65 -29.08 16.35
N GLU B 96 10.03 -28.26 17.32
CA GLU B 96 9.10 -27.78 18.35
C GLU B 96 8.43 -28.93 19.07
N ASN B 97 9.13 -30.04 19.24
CA ASN B 97 8.59 -31.23 19.89
C ASN B 97 9.36 -31.60 21.16
N GLY B 98 10.31 -30.77 21.58
CA GLY B 98 11.07 -31.07 22.78
C GLY B 98 12.26 -31.97 22.58
N THR B 99 12.83 -32.00 21.36
CA THR B 99 13.98 -32.82 21.07
C THR B 99 15.03 -32.01 20.32
N MET B 100 16.27 -32.47 20.41
CA MET B 100 17.37 -31.89 19.65
C MET B 100 18.33 -33.02 19.28
N LEU B 101 19.27 -32.71 18.41
CA LEU B 101 20.25 -33.70 18.00
C LEU B 101 21.33 -33.84 19.07
N LEU B 102 21.59 -35.08 19.50
CA LEU B 102 22.61 -35.32 20.50
C LEU B 102 23.98 -34.85 20.01
N ALA B 103 24.20 -34.86 18.69
CA ALA B 103 25.46 -34.37 18.14
C ALA B 103 25.66 -32.90 18.46
N GLU B 104 24.62 -32.08 18.23
CA GLU B 104 24.72 -30.65 18.50
C GLU B 104 24.96 -30.38 19.98
N LEU B 105 24.26 -31.11 20.85
CA LEU B 105 24.44 -30.93 22.29
C LEU B 105 25.86 -31.29 22.70
N GLN B 106 26.34 -32.45 22.27
CA GLN B 106 27.70 -32.87 22.60
C GLN B 106 28.73 -31.88 22.05
N HIS B 107 28.56 -31.45 20.80
CA HIS B 107 29.48 -30.49 20.21
C HIS B 107 29.52 -29.20 21.01
N ALA B 108 28.34 -28.69 21.39
CA ALA B 108 28.29 -27.42 22.11
C ALA B 108 28.97 -27.52 23.47
N LEU B 109 28.74 -28.63 24.19
CA LEU B 109 29.32 -28.78 25.51
C LEU B 109 30.85 -28.86 25.45
N LEU B 110 31.38 -29.45 24.38
CA LEU B 110 32.82 -29.63 24.24
C LEU B 110 33.52 -28.45 23.56
N ALA B 111 32.77 -27.56 22.92
CA ALA B 111 33.36 -26.48 22.14
C ALA B 111 33.10 -25.10 22.75
N LEU B 112 31.87 -24.81 23.15
CA LEU B 112 31.50 -23.48 23.60
C LEU B 112 31.75 -23.29 25.09
N GLY B 113 31.79 -22.04 25.51
CA GLY B 113 31.91 -21.66 26.90
C GLY B 113 33.03 -22.38 27.61
N GLU B 114 32.86 -22.52 28.93
CA GLU B 114 33.78 -23.29 29.77
C GLU B 114 33.64 -24.76 29.41
N SER B 115 34.23 -25.14 28.27
CA SER B 115 34.04 -26.46 27.69
C SER B 115 34.35 -27.57 28.69
N LEU B 116 33.76 -28.75 28.45
CA LEU B 116 33.92 -29.91 29.30
C LEU B 116 34.85 -30.93 28.63
N ASP B 117 35.39 -31.83 29.43
CA ASP B 117 36.23 -32.89 28.91
C ASP B 117 35.39 -33.96 28.23
N ASP B 118 36.04 -34.75 27.37
CA ASP B 118 35.36 -35.90 26.79
C ASP B 118 34.83 -36.82 27.89
N GLU B 119 35.60 -37.00 28.96
CA GLU B 119 35.16 -37.88 30.04
C GLU B 119 33.98 -37.30 30.79
N GLN B 120 33.98 -35.98 31.01
CA GLN B 120 32.89 -35.36 31.75
C GLN B 120 31.56 -35.51 31.02
N VAL B 121 31.56 -35.41 29.70
CA VAL B 121 30.33 -35.49 28.94
C VAL B 121 29.84 -36.94 28.84
N GLU B 122 30.76 -37.89 28.64
CA GLU B 122 30.36 -39.28 28.55
C GLU B 122 29.67 -39.74 29.84
N THR B 123 30.28 -39.44 30.99
CA THR B 123 29.64 -39.77 32.26
C THR B 123 28.30 -39.07 32.38
N LEU B 124 28.24 -37.79 32.02
CA LEU B 124 27.00 -37.04 32.10
C LEU B 124 25.91 -37.71 31.27
N PHE B 125 26.21 -38.03 30.00
CA PHE B 125 25.21 -38.68 29.17
C PHE B 125 24.87 -40.08 29.67
N ALA B 126 25.85 -40.79 30.23
CA ALA B 126 25.61 -42.14 30.70
C ALA B 126 24.54 -42.16 31.80
N ASP B 127 24.55 -41.17 32.67
CA ASP B 127 23.64 -41.13 33.80
C ASP B 127 22.33 -40.43 33.49
N CYS B 128 22.40 -39.26 32.85
CA CYS B 128 21.24 -38.39 32.71
C CYS B 128 20.57 -38.46 31.34
N MET B 129 21.30 -38.81 30.30
CA MET B 129 20.77 -38.76 28.95
C MET B 129 20.03 -40.05 28.60
N ASP B 130 18.92 -39.92 27.89
CA ASP B 130 18.15 -41.04 27.40
C ASP B 130 18.70 -41.52 26.07
N PRO B 131 18.43 -42.77 25.69
CA PRO B 131 18.96 -43.28 24.42
C PRO B 131 18.42 -42.50 23.23
N GLU B 132 19.25 -42.37 22.20
CA GLU B 132 18.85 -41.67 21.00
C GLU B 132 17.72 -42.42 20.29
N ASP B 133 17.15 -41.78 19.28
CA ASP B 133 16.20 -42.42 18.39
C ASP B 133 16.90 -42.78 17.08
N ASP B 134 16.14 -43.29 16.12
CA ASP B 134 16.72 -43.71 14.86
C ASP B 134 17.41 -42.56 14.14
N GLU B 135 16.92 -41.33 14.33
CA GLU B 135 17.43 -40.16 13.61
C GLU B 135 18.49 -39.40 14.38
N GLY B 136 18.82 -39.83 15.59
CA GLY B 136 19.81 -39.14 16.40
C GLY B 136 19.27 -38.09 17.33
N PHE B 137 17.96 -38.03 17.52
CA PHE B 137 17.36 -37.04 18.40
C PHE B 137 17.28 -37.58 19.84
N ILE B 138 17.14 -36.65 20.77
CA ILE B 138 17.02 -37.00 22.18
C ILE B 138 16.05 -36.03 22.87
N PRO B 139 15.33 -36.46 23.89
CA PRO B 139 14.54 -35.53 24.70
C PRO B 139 15.45 -34.81 25.68
N TYR B 140 15.59 -33.50 25.52
CA TYR B 140 16.49 -32.74 26.36
C TYR B 140 15.86 -32.31 27.67
N SER B 141 14.54 -32.35 27.78
CA SER B 141 13.89 -31.99 29.04
C SER B 141 14.28 -32.94 30.17
N PRO B 142 14.18 -34.27 30.01
CA PRO B 142 14.57 -35.15 31.12
C PRO B 142 16.06 -35.12 31.40
N PHE B 143 16.90 -34.88 30.39
CA PHE B 143 18.33 -34.80 30.63
C PHE B 143 18.66 -33.65 31.58
N LEU B 144 18.03 -32.49 31.37
CA LEU B 144 18.28 -31.36 32.25
C LEU B 144 17.67 -31.58 33.63
N ALA B 145 16.53 -32.26 33.70
CA ALA B 145 15.87 -32.47 34.98
C ALA B 145 16.71 -33.38 35.88
N ARG B 146 17.42 -34.35 35.30
CA ARG B 146 18.29 -35.20 36.10
C ARG B 146 19.58 -34.48 36.49
N MET B 147 20.19 -33.76 35.54
CA MET B 147 21.43 -33.05 35.83
C MET B 147 21.21 -31.96 36.88
N CYS B 148 20.06 -31.29 36.83
CA CYS B 148 19.74 -30.22 37.75
C CYS B 148 19.01 -30.71 39.00
N ASP B 149 18.90 -32.02 39.18
CA ASP B 149 18.18 -32.61 40.31
C ASP B 149 16.81 -31.96 40.46
N ARG B 150 15.97 -32.16 39.44
CA ARG B 150 14.61 -31.63 39.39
C ARG B 150 13.64 -32.78 39.16
N PRO B 151 13.41 -33.62 40.16
CA PRO B 151 12.46 -34.73 39.98
C PRO B 151 11.06 -34.26 39.62
N ASP B 152 10.66 -33.07 40.07
CA ASP B 152 9.33 -32.57 39.78
C ASP B 152 9.05 -32.51 38.28
N GLN B 153 10.09 -32.45 37.45
CA GLN B 153 9.94 -32.31 36.00
C GLN B 153 10.08 -33.65 35.28
N LEU B 154 10.19 -34.76 36.00
CA LEU B 154 10.29 -36.07 35.36
C LEU B 154 8.91 -36.68 35.15
MG MG C . -8.65 4.27 -15.55
PB ADP D . -6.00 2.57 -14.51
O1B ADP D . -5.39 3.61 -15.42
O2B ADP D . -5.44 2.58 -13.11
O3B ADP D . -7.50 2.49 -14.60
PA ADP D . -6.52 0.05 -15.65
O1A ADP D . -7.10 0.58 -16.94
O2A ADP D . -7.42 -0.35 -14.51
O3A ADP D . -5.48 1.16 -15.11
O5' ADP D . -5.58 -1.21 -16.01
C5' ADP D . -4.44 -1.00 -16.84
C4' ADP D . -4.16 -2.28 -17.62
O4' ADP D . -3.41 -3.18 -16.79
C3' ADP D . -5.41 -3.01 -18.10
O3' ADP D . -5.75 -2.66 -19.42
C2' ADP D . -5.05 -4.49 -17.96
O2' ADP D . -4.54 -5.02 -19.16
C1' ADP D . -3.96 -4.51 -16.89
N9 ADP D . -4.54 -4.87 -15.59
C8 ADP D . -4.71 -4.05 -14.53
N7 ADP D . -5.27 -4.72 -13.49
C5 ADP D . -5.46 -5.99 -13.89
C6 ADP D . -6.00 -7.23 -13.28
N6 ADP D . -6.47 -7.25 -12.02
N1 ADP D . -6.01 -8.34 -14.04
C2 ADP D . -5.56 -8.36 -15.31
N3 ADP D . -5.05 -7.28 -15.91
C4 ADP D . -4.98 -6.10 -15.27
H5'1 ADP D . -3.58 -0.75 -16.23
H5'2 ADP D . -4.63 -0.17 -17.53
H4' ADP D . -3.59 -1.96 -18.51
H3' ADP D . -6.31 -2.75 -17.51
HO3' ADP D . -6.60 -3.06 -19.66
H2' ADP D . -5.94 -5.09 -17.71
HO2' ADP D . -5.24 -5.06 -19.83
H1' ADP D . -3.20 -5.24 -17.16
H8 ADP D . -4.44 -3.01 -14.52
HN61 ADP D . -6.84 -8.11 -11.64
HN62 ADP D . -6.46 -6.41 -11.45
H2 ADP D . -5.59 -9.30 -15.86
#